data_6D41
#
_entry.id   6D41
#
_cell.length_a   126.066
_cell.length_b   130.156
_cell.length_c   94.490
_cell.angle_alpha   90.00
_cell.angle_beta   100.24
_cell.angle_gamma   90.00
#
_symmetry.space_group_name_H-M   'C 1 2 1'
#
loop_
_entity.id
_entity.type
_entity.pdbx_description
1 polymer Beta-galactosidase/beta-glucuronidase
2 non-polymer GLYCEROL
3 non-polymer 'CHLORIDE ION'
4 non-polymer '(2S,3S,4S,5R)-3,4,5-trihydroxy-6-oxo-oxane-2-carboxylic acid'
5 water water
#
_entity_poly.entity_id   1
_entity_poly.type   'polypeptide(L)'
_entity_poly.pdbx_seq_one_letter_code
;MKTLLKNSLTFLLMLMPVLAFAQQAPQIMNVSARQTTSLDGQWKTIVDPFENGYYDYRLKPYDGGYAQDKTYSDKTKLQE
YDFETDKLLFVPGDWNTQRPQLYYYEGTVWYRKHFEYSLQPGKRLFLNFGAVNYEAIVWLNGKRLGRHIGGFTPFNFEIT
NLLKEGTNSLVVKVDNKRLPEAVPTVNADWWNFGGITRPVTLIEMPATYIRDYYVQLAKDDKNMIEGWVQLEGSDKEQKI
TLDIPELKVKKEVTTDANGYASFLIKSKPILWTPENPKLYAVNLASETDKVSDEIGFRTIRTEGIKILLNDKEIFCRGIS
IHEETPYYSGRAYSKDHAHTLLSWAKELGCNFVRLAHYPHNEEMVREAERMGFLVWSEIPVYWTIHWENKDTYQNAEQQL
CDMIARDKNRCNIIIWSIANETPHSKTRLTFLSNLANKARSLDSVRLIGAAMEKEEVQPGVLTVNDPLGELLDIISFNEY
VGWYDGDSEKCDRVNWTFDTQKPVFISELGGGALYGHHGSPKERFTEEYQEDLYIRHVNMLKRIPGLAGTTPWILKDFRS
PRRHVPEIQDDFNRKGLVSDKGQKKKAFFVLQKWYKELTEAYK
;
_entity_poly.pdbx_strand_id   B,A
#
# COMPACT_ATOMS: atom_id res chain seq x y z
N ALA A 25 6.13 32.64 -6.52
CA ALA A 25 4.85 32.31 -7.14
C ALA A 25 5.02 31.51 -8.44
N PRO A 26 6.07 31.73 -9.23
CA PRO A 26 6.28 30.86 -10.39
C PRO A 26 6.57 29.45 -9.93
N GLN A 27 6.27 28.48 -10.79
CA GLN A 27 6.48 27.08 -10.45
C GLN A 27 7.97 26.81 -10.22
N ILE A 28 8.24 25.85 -9.34
CA ILE A 28 9.60 25.35 -9.08
C ILE A 28 9.72 23.96 -9.67
N MET A 29 10.68 23.76 -10.57
CA MET A 29 10.91 22.45 -11.16
C MET A 29 11.59 21.52 -10.14
N ASN A 30 11.11 20.27 -10.08
CA ASN A 30 11.81 19.21 -9.35
C ASN A 30 11.97 19.56 -7.87
N VAL A 31 10.82 19.78 -7.21
CA VAL A 31 10.83 20.22 -5.81
C VAL A 31 11.54 19.20 -4.93
N SER A 32 11.37 17.91 -5.23
CA SER A 32 11.90 16.88 -4.36
C SER A 32 13.42 16.89 -4.30
N ALA A 33 14.09 17.43 -5.31
CA ALA A 33 15.54 17.44 -5.32
C ALA A 33 16.13 18.68 -4.66
N ARG A 34 15.29 19.54 -4.06
CA ARG A 34 15.74 20.78 -3.46
C ARG A 34 15.98 20.56 -1.96
N GLN A 35 16.40 21.62 -1.27
CA GLN A 35 16.51 21.57 0.19
C GLN A 35 15.11 21.73 0.76
N THR A 36 14.47 20.60 1.07
CA THR A 36 13.06 20.56 1.46
C THR A 36 12.91 20.24 2.95
N THR A 37 11.87 20.79 3.55
CA THR A 37 11.44 20.48 4.90
C THR A 37 9.92 20.30 4.89
N SER A 38 9.44 19.17 5.39
CA SER A 38 8.01 18.89 5.33
C SER A 38 7.26 19.66 6.41
N LEU A 39 6.04 20.10 6.09
CA LEU A 39 5.12 20.58 7.11
C LEU A 39 3.97 19.61 7.33
N ASP A 40 4.08 18.39 6.78
CA ASP A 40 2.99 17.43 6.88
C ASP A 40 2.88 16.89 8.30
N GLY A 41 1.73 16.25 8.58
CA GLY A 41 1.47 15.67 9.88
C GLY A 41 0.00 15.81 10.20
N GLN A 42 -0.33 16.34 11.37
CA GLN A 42 -1.71 16.62 11.73
C GLN A 42 -1.83 18.10 12.08
N TRP A 43 -2.80 18.76 11.46
CA TRP A 43 -3.00 20.20 11.62
C TRP A 43 -4.33 20.46 12.34
N LYS A 44 -4.39 21.59 13.04
CA LYS A 44 -5.64 22.05 13.63
C LYS A 44 -6.61 22.46 12.52
N THR A 45 -7.91 22.24 12.76
CA THR A 45 -8.90 22.44 11.70
C THR A 45 -10.21 22.96 12.28
N ILE A 46 -10.93 23.72 11.46
CA ILE A 46 -12.25 24.24 11.82
C ILE A 46 -13.15 24.07 10.61
N VAL A 47 -14.19 23.25 10.75
CA VAL A 47 -15.17 23.09 9.68
C VAL A 47 -16.13 24.27 9.73
N ASP A 48 -16.32 24.95 8.60
CA ASP A 48 -16.94 26.28 8.58
C ASP A 48 -17.90 26.38 7.39
N PRO A 49 -19.03 25.67 7.44
CA PRO A 49 -19.90 25.61 6.25
C PRO A 49 -20.47 26.96 5.84
N PHE A 50 -20.76 27.85 6.80
CA PHE A 50 -21.30 29.16 6.44
C PHE A 50 -20.21 30.22 6.32
N GLU A 51 -18.93 29.81 6.36
CA GLU A 51 -17.80 30.72 6.17
C GLU A 51 -17.85 31.87 7.17
N ASN A 52 -18.23 31.55 8.41
CA ASN A 52 -18.19 32.51 9.50
C ASN A 52 -16.77 33.06 9.74
N GLY A 53 -15.74 32.26 9.46
CA GLY A 53 -14.38 32.74 9.68
C GLY A 53 -13.91 33.77 8.67
N TYR A 54 -14.70 34.00 7.62
CA TYR A 54 -14.35 34.91 6.52
C TYR A 54 -15.32 36.07 6.36
N TYR A 55 -16.62 35.84 6.60
CA TYR A 55 -17.67 36.82 6.39
C TYR A 55 -18.40 37.09 7.70
N ASP A 56 -18.76 38.36 7.92
CA ASP A 56 -19.60 38.69 9.06
C ASP A 56 -21.07 38.55 8.68
N TYR A 57 -21.96 38.96 9.59
CA TYR A 57 -23.39 38.75 9.41
C TYR A 57 -24.00 39.67 8.35
N ARG A 58 -23.24 40.65 7.87
CA ARG A 58 -23.60 41.40 6.66
C ARG A 58 -22.99 40.79 5.41
N LEU A 59 -22.39 39.60 5.52
CA LEU A 59 -21.70 38.95 4.40
C LEU A 59 -20.54 39.80 3.89
N LYS A 60 -19.86 40.49 4.81
CA LYS A 60 -18.69 41.27 4.44
C LYS A 60 -17.42 40.70 5.06
N PRO A 61 -16.29 40.73 4.34
CA PRO A 61 -15.01 40.38 4.98
C PRO A 61 -14.84 41.24 6.23
N TYR A 62 -14.23 40.66 7.26
CA TYR A 62 -14.04 41.40 8.50
C TYR A 62 -12.68 41.12 9.10
N ASP A 63 -12.13 42.12 9.80
CA ASP A 63 -10.87 41.93 10.50
C ASP A 63 -11.12 41.12 11.76
N GLY A 64 -10.26 40.15 12.01
CA GLY A 64 -10.48 39.24 13.12
C GLY A 64 -11.09 37.91 12.77
N GLY A 65 -11.19 37.58 11.48
CA GLY A 65 -11.55 36.25 11.06
C GLY A 65 -10.48 35.23 11.43
N TYR A 66 -10.72 33.99 11.03
CA TYR A 66 -9.90 32.87 11.49
C TYR A 66 -8.48 32.93 10.96
N ALA A 67 -8.23 33.69 9.90
CA ALA A 67 -6.88 33.82 9.37
C ALA A 67 -5.91 34.37 10.39
N GLN A 68 -6.42 35.09 11.40
CA GLN A 68 -5.53 35.63 12.42
C GLN A 68 -5.03 34.58 13.40
N ASP A 69 -5.69 33.43 13.47
CA ASP A 69 -5.19 32.32 14.30
C ASP A 69 -4.88 32.81 15.71
N LYS A 70 -5.85 33.50 16.31
CA LYS A 70 -5.69 34.04 17.65
C LYS A 70 -6.07 32.95 18.65
N THR A 71 -5.09 32.47 19.41
CA THR A 71 -5.39 31.51 20.47
C THR A 71 -6.28 32.16 21.52
N TYR A 72 -7.36 31.46 21.90
CA TYR A 72 -8.39 32.04 22.76
C TYR A 72 -8.00 31.88 24.22
N SER A 73 -6.95 32.63 24.61
CA SER A 73 -6.39 32.56 25.95
C SER A 73 -7.08 33.49 26.94
N ASP A 74 -7.47 34.68 26.51
CA ASP A 74 -8.06 35.68 27.38
C ASP A 74 -9.59 35.62 27.21
N LYS A 75 -10.24 34.92 28.14
CA LYS A 75 -11.68 34.73 28.07
C LYS A 75 -12.48 35.90 28.64
N THR A 76 -11.82 36.98 29.08
CA THR A 76 -12.58 38.20 29.37
C THR A 76 -13.09 38.87 28.11
N LYS A 77 -12.57 38.47 26.95
CA LYS A 77 -13.02 38.97 25.68
C LYS A 77 -13.74 37.86 24.92
N LEU A 78 -14.51 38.27 23.93
CA LEU A 78 -15.34 37.35 23.15
C LEU A 78 -14.66 37.01 21.83
N GLN A 79 -14.54 35.72 21.53
CA GLN A 79 -14.38 35.28 20.15
C GLN A 79 -15.09 33.94 20.00
N GLU A 80 -15.26 33.53 18.75
CA GLU A 80 -16.15 32.43 18.39
C GLU A 80 -15.40 31.21 17.86
N TYR A 81 -14.07 31.14 18.05
CA TYR A 81 -13.29 30.04 17.51
C TYR A 81 -12.02 29.88 18.33
N ASP A 82 -11.35 28.74 18.18
CA ASP A 82 -10.04 28.54 18.81
C ASP A 82 -9.35 27.35 18.13
N PHE A 83 -8.45 27.63 17.17
CA PHE A 83 -7.66 26.58 16.58
C PHE A 83 -6.95 25.75 17.65
N GLU A 84 -6.51 26.39 18.73
CA GLU A 84 -5.59 25.72 19.64
C GLU A 84 -6.24 24.52 20.33
N THR A 85 -7.57 24.52 20.47
CA THR A 85 -8.26 23.43 21.14
C THR A 85 -9.21 22.70 20.19
N ASP A 86 -9.07 22.86 18.88
CA ASP A 86 -10.00 22.23 17.95
C ASP A 86 -9.42 20.89 17.48
N LYS A 87 -10.14 20.24 16.56
CA LYS A 87 -9.80 18.89 16.13
C LYS A 87 -8.72 18.89 15.04
N LEU A 88 -8.07 17.73 14.87
CA LEU A 88 -6.99 17.56 13.91
C LEU A 88 -7.51 16.91 12.63
N LEU A 89 -6.82 17.20 11.51
CA LEU A 89 -6.88 16.39 10.29
C LEU A 89 -5.46 16.04 9.86
N PHE A 90 -5.30 14.89 9.21
CA PHE A 90 -4.03 14.58 8.57
C PHE A 90 -3.82 15.43 7.34
N VAL A 91 -2.58 15.88 7.17
CA VAL A 91 -2.12 16.56 5.96
C VAL A 91 -0.87 15.82 5.52
N PRO A 92 -0.79 15.30 4.28
CA PRO A 92 -1.78 15.45 3.20
C PRO A 92 -2.91 14.44 3.29
N GLY A 93 -4.01 14.75 2.61
CA GLY A 93 -5.11 13.84 2.52
C GLY A 93 -6.41 14.54 2.17
N ASP A 94 -7.32 13.80 1.56
CA ASP A 94 -8.71 14.25 1.51
C ASP A 94 -9.26 14.29 2.93
N TRP A 95 -10.21 15.19 3.18
CA TRP A 95 -10.89 15.11 4.48
C TRP A 95 -11.99 14.08 4.51
N ASN A 96 -12.48 13.64 3.35
CA ASN A 96 -13.72 12.89 3.32
C ASN A 96 -13.61 11.56 4.04
N THR A 97 -12.47 10.87 3.90
CA THR A 97 -12.30 9.56 4.53
C THR A 97 -11.79 9.68 5.96
N GLN A 98 -11.58 10.89 6.46
CA GLN A 98 -11.01 11.03 7.79
C GLN A 98 -12.04 11.09 8.91
N ARG A 99 -13.27 11.57 8.64
CA ARG A 99 -14.36 11.62 9.61
C ARG A 99 -15.64 11.28 8.89
N PRO A 100 -16.52 10.48 9.49
CA PRO A 100 -17.84 10.26 8.89
C PRO A 100 -18.54 11.57 8.55
N GLN A 101 -18.46 12.57 9.42
CA GLN A 101 -19.15 13.83 9.17
C GLN A 101 -18.66 14.53 7.91
N LEU A 102 -17.43 14.25 7.47
CA LEU A 102 -16.85 14.92 6.32
C LEU A 102 -16.97 14.09 5.04
N TYR A 103 -17.63 12.93 5.09
CA TYR A 103 -17.74 12.06 3.92
C TYR A 103 -18.26 12.80 2.69
N TYR A 104 -19.41 13.47 2.82
CA TYR A 104 -19.99 14.25 1.73
C TYR A 104 -19.62 15.72 1.77
N TYR A 105 -18.73 16.14 2.65
CA TYR A 105 -18.67 17.56 2.96
C TYR A 105 -18.16 18.39 1.78
N GLU A 106 -18.92 19.42 1.42
CA GLU A 106 -18.60 20.35 0.36
C GLU A 106 -18.70 21.76 0.93
N GLY A 107 -17.58 22.44 1.04
CA GLY A 107 -17.54 23.74 1.69
C GLY A 107 -16.14 24.00 2.21
N THR A 108 -16.07 24.88 3.21
CA THR A 108 -14.80 25.36 3.74
C THR A 108 -14.37 24.58 4.97
N VAL A 109 -13.10 24.20 5.01
CA VAL A 109 -12.44 23.74 6.23
C VAL A 109 -11.18 24.57 6.38
N TRP A 110 -11.00 25.15 7.56
CA TRP A 110 -9.78 25.89 7.85
C TRP A 110 -8.73 24.93 8.38
N TYR A 111 -7.49 25.09 7.91
CA TYR A 111 -6.35 24.34 8.39
C TYR A 111 -5.34 25.28 9.00
N ARG A 112 -4.72 24.88 10.12
CA ARG A 112 -3.73 25.73 10.77
C ARG A 112 -2.52 24.91 11.23
N LYS A 113 -1.32 25.44 10.97
CA LYS A 113 -0.06 24.83 11.33
C LYS A 113 0.84 25.86 12.00
N HIS A 114 1.45 25.49 13.11
CA HIS A 114 2.52 26.28 13.70
C HIS A 114 3.87 25.61 13.40
N PHE A 115 4.86 26.43 13.05
CA PHE A 115 6.17 25.87 12.77
C PHE A 115 7.22 26.92 13.08
N GLU A 116 8.45 26.44 13.24
CA GLU A 116 9.64 27.26 13.33
C GLU A 116 10.58 26.91 12.19
N TYR A 117 11.36 27.89 11.76
CA TYR A 117 12.37 27.65 10.73
C TYR A 117 13.45 28.69 10.87
N SER A 118 14.70 28.25 10.92
CA SER A 118 15.85 29.13 11.04
C SER A 118 16.42 29.31 9.63
N LEU A 119 16.17 30.48 9.04
CA LEU A 119 16.58 30.79 7.67
C LEU A 119 17.81 31.67 7.72
N GLN A 120 18.92 31.16 7.22
CA GLN A 120 20.13 31.96 7.26
C GLN A 120 19.96 33.23 6.45
N PRO A 121 20.39 34.38 6.96
CA PRO A 121 20.28 35.63 6.20
C PRO A 121 20.79 35.48 4.78
N GLY A 122 19.98 35.93 3.83
CA GLY A 122 20.32 35.86 2.42
C GLY A 122 19.75 34.67 1.69
N LYS A 123 19.40 33.60 2.41
CA LYS A 123 18.74 32.47 1.76
C LYS A 123 17.25 32.79 1.58
N ARG A 124 16.64 32.10 0.64
CA ARG A 124 15.23 32.32 0.31
C ARG A 124 14.42 31.10 0.72
N LEU A 125 13.13 31.32 1.00
CA LEU A 125 12.28 30.24 1.49
C LEU A 125 10.92 30.29 0.79
N PHE A 126 10.51 29.16 0.25
CA PHE A 126 9.24 29.07 -0.47
C PHE A 126 8.35 28.03 0.20
N LEU A 127 7.05 28.31 0.17
CA LEU A 127 6.04 27.39 0.68
C LEU A 127 5.34 26.76 -0.52
N ASN A 128 5.47 25.44 -0.67
CA ASN A 128 4.96 24.72 -1.83
C ASN A 128 3.80 23.82 -1.43
N PHE A 129 2.67 23.96 -2.12
CA PHE A 129 1.52 23.07 -1.98
C PHE A 129 1.49 22.14 -3.19
N GLY A 130 1.59 20.84 -2.95
CA GLY A 130 1.47 19.90 -4.06
C GLY A 130 0.10 19.96 -4.72
N ALA A 131 -0.95 20.15 -3.92
CA ALA A 131 -2.30 20.35 -4.43
C ALA A 131 -3.25 20.62 -3.27
N VAL A 132 -4.26 21.45 -3.53
CA VAL A 132 -5.37 21.69 -2.61
C VAL A 132 -6.64 21.77 -3.44
N ASN A 133 -7.64 20.98 -3.07
CA ASN A 133 -8.92 20.99 -3.78
C ASN A 133 -9.97 21.67 -2.91
N TYR A 134 -10.63 22.71 -3.43
CA TYR A 134 -10.48 23.22 -4.80
C TYR A 134 -9.86 24.62 -4.81
N GLU A 135 -10.34 25.45 -3.89
CA GLU A 135 -9.86 26.81 -3.68
C GLU A 135 -9.06 26.87 -2.39
N ALA A 136 -7.85 27.40 -2.47
CA ALA A 136 -7.01 27.64 -1.30
C ALA A 136 -6.77 29.13 -1.15
N ILE A 137 -6.96 29.64 0.07
CA ILE A 137 -6.48 30.96 0.45
C ILE A 137 -5.51 30.77 1.61
N VAL A 138 -4.33 31.38 1.50
CA VAL A 138 -3.21 31.10 2.39
C VAL A 138 -2.75 32.37 3.06
N TRP A 139 -2.58 32.31 4.39
CA TRP A 139 -2.01 33.37 5.20
C TRP A 139 -0.79 32.85 5.95
N LEU A 140 0.19 33.74 6.15
CA LEU A 140 1.29 33.49 7.07
C LEU A 140 1.34 34.61 8.08
N ASN A 141 1.27 34.27 9.37
CA ASN A 141 1.32 35.26 10.44
C ASN A 141 0.28 36.36 10.23
N GLY A 142 -0.92 35.95 9.83
CA GLY A 142 -2.04 36.85 9.66
C GLY A 142 -2.08 37.61 8.36
N LYS A 143 -1.04 37.51 7.53
CA LYS A 143 -0.97 38.25 6.28
C LYS A 143 -1.28 37.31 5.11
N ARG A 144 -2.18 37.73 4.22
CA ARG A 144 -2.57 36.90 3.09
C ARG A 144 -1.40 36.76 2.11
N LEU A 145 -1.02 35.51 1.82
CA LEU A 145 -0.02 35.26 0.78
C LEU A 145 -0.64 35.25 -0.61
N GLY A 146 -1.84 34.69 -0.74
CA GLY A 146 -2.47 34.63 -2.04
C GLY A 146 -3.54 33.55 -2.07
N ARG A 147 -3.93 33.17 -3.28
CA ARG A 147 -5.08 32.30 -3.50
C ARG A 147 -4.82 31.41 -4.71
N HIS A 148 -5.40 30.21 -4.69
CA HIS A 148 -5.25 29.28 -5.80
C HIS A 148 -6.57 28.59 -6.10
N ILE A 149 -6.85 28.38 -7.38
CA ILE A 149 -7.96 27.53 -7.79
C ILE A 149 -7.43 26.46 -8.74
N GLY A 150 -8.12 25.32 -8.75
CA GLY A 150 -7.66 24.14 -9.47
C GLY A 150 -7.12 23.16 -8.45
N GLY A 151 -7.74 21.99 -8.34
CA GLY A 151 -7.49 21.09 -7.22
C GLY A 151 -6.37 20.09 -7.40
N PHE A 152 -5.65 20.12 -8.54
CA PHE A 152 -4.69 19.07 -8.83
C PHE A 152 -3.36 19.60 -9.35
N THR A 153 -3.09 20.89 -9.20
CA THR A 153 -1.85 21.47 -9.67
C THR A 153 -1.14 22.20 -8.53
N PRO A 154 0.19 22.18 -8.52
CA PRO A 154 0.94 22.76 -7.41
C PRO A 154 1.02 24.28 -7.50
N PHE A 155 1.30 24.89 -6.35
CA PHE A 155 1.48 26.33 -6.29
C PHE A 155 2.38 26.67 -5.11
N ASN A 156 3.10 27.77 -5.22
CA ASN A 156 3.98 28.14 -4.12
C ASN A 156 3.95 29.64 -3.90
N PHE A 157 4.40 30.02 -2.71
CA PHE A 157 4.51 31.41 -2.27
C PHE A 157 5.89 31.60 -1.68
N GLU A 158 6.53 32.73 -1.97
CA GLU A 158 7.79 33.04 -1.29
C GLU A 158 7.50 33.66 0.07
N ILE A 159 8.15 33.13 1.11
CA ILE A 159 7.94 33.66 2.46
C ILE A 159 9.23 34.17 3.07
N THR A 160 10.29 34.29 2.27
CA THR A 160 11.59 34.75 2.74
C THR A 160 11.52 35.88 3.75
N ASN A 161 10.82 36.96 3.42
CA ASN A 161 10.80 38.14 4.26
C ASN A 161 9.56 38.24 5.15
N LEU A 162 8.75 37.18 5.21
CA LEU A 162 7.59 37.12 6.10
C LEU A 162 7.79 36.20 7.29
N LEU A 163 8.80 35.33 7.23
CA LEU A 163 9.10 34.41 8.32
C LEU A 163 9.55 35.18 9.54
N LYS A 164 8.95 34.87 10.69
CA LYS A 164 9.40 35.49 11.94
C LYS A 164 10.21 34.49 12.76
N GLU A 165 10.88 34.99 13.79
CA GLU A 165 11.55 34.11 14.72
C GLU A 165 10.55 33.52 15.70
N GLY A 166 10.87 32.34 16.21
CA GLY A 166 9.89 31.69 17.05
C GLY A 166 8.76 31.10 16.21
N THR A 167 7.57 31.08 16.80
CA THR A 167 6.44 30.41 16.17
C THR A 167 5.91 31.21 14.98
N ASN A 168 5.75 30.53 13.86
CA ASN A 168 5.03 31.07 12.70
C ASN A 168 3.68 30.38 12.55
N SER A 169 2.69 31.14 12.08
CA SER A 169 1.32 30.67 11.91
C SER A 169 1.00 30.57 10.42
N LEU A 170 0.72 29.35 9.95
CA LEU A 170 0.24 29.10 8.59
C LEU A 170 -1.23 28.71 8.65
N VAL A 171 -2.09 29.50 7.99
CA VAL A 171 -3.52 29.20 7.94
C VAL A 171 -3.91 29.02 6.47
N VAL A 172 -4.59 27.92 6.17
CA VAL A 172 -5.08 27.65 4.82
C VAL A 172 -6.60 27.47 4.87
N LYS A 173 -7.32 28.31 4.14
CA LYS A 173 -8.77 28.17 3.99
C LYS A 173 -9.04 27.35 2.72
N VAL A 174 -9.54 26.13 2.90
CA VAL A 174 -9.77 25.20 1.79
C VAL A 174 -11.27 25.08 1.56
N ASP A 175 -11.69 25.24 0.30
CA ASP A 175 -13.10 25.13 -0.05
C ASP A 175 -13.22 24.26 -1.29
N ASN A 176 -14.10 23.25 -1.22
CA ASN A 176 -14.35 22.37 -2.36
C ASN A 176 -15.80 22.43 -2.84
N LYS A 177 -16.51 23.52 -2.56
CA LYS A 177 -17.83 23.68 -3.15
C LYS A 177 -17.74 23.55 -4.67
N ARG A 178 -18.69 22.84 -5.27
CA ARG A 178 -18.76 22.75 -6.73
C ARG A 178 -19.30 24.05 -7.31
N LEU A 179 -18.63 24.58 -8.34
CA LEU A 179 -19.04 25.83 -8.95
C LEU A 179 -19.38 25.60 -10.42
N PRO A 180 -20.49 26.14 -10.91
CA PRO A 180 -20.82 25.96 -12.34
C PRO A 180 -19.66 26.34 -13.26
N GLU A 181 -18.97 27.45 -12.97
CA GLU A 181 -17.92 28.00 -13.82
C GLU A 181 -16.54 27.39 -13.56
N ALA A 182 -16.42 26.45 -12.63
CA ALA A 182 -15.12 25.90 -12.27
C ALA A 182 -14.68 24.83 -13.27
N VAL A 183 -13.42 24.41 -13.14
CA VAL A 183 -12.86 23.31 -13.90
C VAL A 183 -12.29 22.30 -12.91
N PRO A 184 -12.99 21.17 -12.69
CA PRO A 184 -14.23 20.71 -13.32
C PRO A 184 -15.47 21.44 -12.77
N THR A 185 -16.62 21.20 -13.39
CA THR A 185 -17.86 21.90 -13.07
C THR A 185 -18.69 21.08 -12.08
N VAL A 186 -20.01 21.31 -12.02
CA VAL A 186 -20.84 20.79 -10.94
C VAL A 186 -21.16 19.31 -11.08
N ASN A 187 -20.76 18.66 -12.16
CA ASN A 187 -21.05 17.25 -12.37
C ASN A 187 -19.79 16.54 -12.87
N ALA A 188 -19.49 15.38 -12.27
CA ALA A 188 -18.38 14.53 -12.65
C ALA A 188 -18.59 13.18 -11.98
N ASP A 189 -17.95 12.14 -12.50
CA ASP A 189 -18.16 10.80 -11.96
C ASP A 189 -17.06 10.39 -10.99
N TRP A 190 -16.62 11.27 -10.10
CA TRP A 190 -15.71 10.86 -9.04
C TRP A 190 -15.99 11.71 -7.81
N TRP A 191 -15.48 11.23 -6.68
CA TRP A 191 -15.76 11.83 -5.38
C TRP A 191 -15.14 13.21 -5.26
N ASN A 192 -15.91 14.14 -4.68
CA ASN A 192 -15.43 15.50 -4.43
C ASN A 192 -14.56 15.47 -3.17
N PHE A 193 -13.31 15.05 -3.36
CA PHE A 193 -12.35 14.97 -2.27
C PHE A 193 -11.81 16.37 -1.96
N GLY A 194 -12.20 16.93 -0.83
CA GLY A 194 -11.67 18.22 -0.43
C GLY A 194 -10.44 18.11 0.47
N GLY A 195 -9.59 19.13 0.46
CA GLY A 195 -8.58 19.26 1.49
C GLY A 195 -7.20 19.53 0.94
N ILE A 196 -6.21 19.53 1.83
CA ILE A 196 -4.82 19.63 1.42
C ILE A 196 -4.37 18.22 1.06
N THR A 197 -4.55 17.85 -0.21
CA THR A 197 -4.49 16.47 -0.66
C THR A 197 -3.09 16.01 -1.00
N ARG A 198 -2.12 16.90 -1.08
CA ARG A 198 -0.75 16.51 -1.36
C ARG A 198 0.19 17.22 -0.39
N PRO A 199 1.44 16.76 -0.30
CA PRO A 199 2.36 17.30 0.71
C PRO A 199 2.53 18.82 0.66
N VAL A 200 2.75 19.40 1.84
CA VAL A 200 3.12 20.80 2.01
C VAL A 200 4.61 20.84 2.36
N THR A 201 5.38 21.61 1.60
CA THR A 201 6.84 21.53 1.67
C THR A 201 7.44 22.94 1.72
N LEU A 202 8.33 23.17 2.69
CA LEU A 202 9.17 24.36 2.68
C LEU A 202 10.42 24.07 1.84
N ILE A 203 10.76 25.01 0.97
CA ILE A 203 11.89 24.86 0.05
C ILE A 203 12.83 26.02 0.28
N GLU A 204 14.07 25.71 0.70
CA GLU A 204 15.10 26.73 0.83
C GLU A 204 15.90 26.80 -0.46
N MET A 205 16.18 28.03 -0.90
CA MET A 205 16.91 28.31 -2.13
C MET A 205 18.02 29.33 -1.87
N PRO A 206 19.10 29.27 -2.65
CA PRO A 206 20.06 30.39 -2.66
C PRO A 206 19.41 31.63 -3.24
N ALA A 207 20.10 32.77 -3.07
CA ALA A 207 19.48 34.05 -3.40
C ALA A 207 19.15 34.16 -4.89
N THR A 208 19.96 33.53 -5.74
CA THR A 208 19.62 33.33 -7.14
C THR A 208 19.65 31.84 -7.38
N TYR A 209 18.53 31.29 -7.87
CA TYR A 209 18.40 29.83 -7.96
C TYR A 209 17.94 29.42 -9.35
N ILE A 210 18.22 28.16 -9.68
CA ILE A 210 17.70 27.52 -10.88
C ILE A 210 16.23 27.21 -10.64
N ARG A 211 15.33 27.99 -11.24
CA ARG A 211 13.92 27.74 -10.96
C ARG A 211 13.33 26.66 -11.85
N ASP A 212 13.68 26.67 -13.14
CA ASP A 212 13.04 25.81 -14.11
C ASP A 212 14.08 25.39 -15.13
N TYR A 213 13.82 24.25 -15.78
CA TYR A 213 14.74 23.77 -16.80
C TYR A 213 14.05 22.68 -17.59
N TYR A 214 14.55 22.45 -18.80
CA TYR A 214 14.02 21.44 -19.71
C TYR A 214 15.19 20.72 -20.35
N VAL A 215 15.15 19.38 -20.36
CA VAL A 215 16.19 18.56 -20.98
C VAL A 215 15.53 17.34 -21.59
N GLN A 216 15.42 17.31 -22.92
CA GLN A 216 14.75 16.23 -23.63
C GLN A 216 15.36 16.11 -25.02
N LEU A 217 15.13 14.98 -25.68
CA LEU A 217 15.51 14.88 -27.09
C LEU A 217 14.74 15.91 -27.92
N ALA A 218 15.41 16.45 -28.93
CA ALA A 218 14.70 17.22 -29.94
C ALA A 218 13.69 16.35 -30.65
N LYS A 219 12.65 16.99 -31.18
CA LYS A 219 11.58 16.28 -31.88
C LYS A 219 12.13 15.35 -32.95
N ASP A 220 11.79 14.06 -32.84
CA ASP A 220 12.11 13.06 -33.86
C ASP A 220 13.62 12.90 -34.07
N ASP A 221 14.43 13.20 -33.06
CA ASP A 221 15.89 13.23 -33.22
C ASP A 221 16.55 12.39 -32.13
N LYS A 222 16.84 11.13 -32.43
CA LYS A 222 17.50 10.24 -31.47
C LYS A 222 18.85 10.74 -30.99
N ASN A 223 19.44 11.73 -31.67
CA ASN A 223 20.84 12.09 -31.45
C ASN A 223 21.05 13.51 -30.95
N MET A 224 19.99 14.24 -30.66
CA MET A 224 20.12 15.65 -30.29
C MET A 224 19.34 15.91 -29.01
N ILE A 225 20.06 16.21 -27.94
CA ILE A 225 19.44 16.66 -26.70
C ILE A 225 19.32 18.17 -26.72
N GLU A 226 18.13 18.68 -26.46
CA GLU A 226 17.94 20.13 -26.39
C GLU A 226 17.35 20.48 -25.04
N GLY A 227 17.47 21.76 -24.69
CA GLY A 227 16.92 22.19 -23.42
C GLY A 227 17.19 23.64 -23.14
N TRP A 228 16.83 24.03 -21.92
CA TRP A 228 17.00 25.40 -21.47
C TRP A 228 16.94 25.40 -19.96
N VAL A 229 17.35 26.53 -19.38
CA VAL A 229 17.41 26.70 -17.94
C VAL A 229 17.01 28.14 -17.65
N GLN A 230 16.32 28.34 -16.52
CA GLN A 230 15.82 29.65 -16.14
C GLN A 230 16.19 29.93 -14.69
N LEU A 231 16.96 30.99 -14.47
CA LEU A 231 17.33 31.44 -13.13
C LEU A 231 16.34 32.49 -12.63
N GLU A 232 16.26 32.61 -11.30
N GLU A 232 16.26 32.60 -11.30
CA GLU A 232 15.45 33.62 -10.67
CA GLU A 232 15.43 33.58 -10.62
C GLU A 232 16.25 34.26 -9.54
C GLU A 232 16.29 34.25 -9.56
N GLY A 233 16.23 35.58 -9.50
CA GLY A 233 16.98 36.34 -8.53
C GLY A 233 17.78 37.44 -9.19
N SER A 234 18.57 38.13 -8.38
CA SER A 234 19.21 39.35 -8.83
C SER A 234 20.49 39.08 -9.61
N ASP A 235 21.06 37.89 -9.51
CA ASP A 235 22.30 37.55 -10.19
C ASP A 235 22.02 36.68 -11.42
N LYS A 236 21.25 37.23 -12.36
CA LYS A 236 20.69 36.43 -13.44
C LYS A 236 21.69 36.01 -14.50
N GLU A 237 22.82 36.71 -14.64
CA GLU A 237 23.81 36.39 -15.65
C GLU A 237 24.89 35.53 -15.04
N GLN A 238 24.92 34.25 -15.42
CA GLN A 238 25.79 33.26 -14.80
C GLN A 238 26.19 32.20 -15.81
N LYS A 239 27.35 31.61 -15.58
CA LYS A 239 27.71 30.38 -16.27
C LYS A 239 26.91 29.21 -15.71
N ILE A 240 26.43 28.34 -16.60
CA ILE A 240 25.69 27.15 -16.22
C ILE A 240 26.31 25.96 -16.90
N THR A 241 26.40 24.85 -16.18
CA THR A 241 26.90 23.62 -16.76
C THR A 241 25.81 22.56 -16.71
N LEU A 242 25.53 21.95 -17.85
CA LEU A 242 24.67 20.77 -17.93
C LEU A 242 25.59 19.56 -17.97
N ASP A 243 25.42 18.67 -17.00
CA ASP A 243 26.31 17.54 -16.80
C ASP A 243 25.50 16.25 -16.86
N ILE A 244 25.84 15.38 -17.81
CA ILE A 244 25.25 14.05 -17.85
C ILE A 244 26.41 13.05 -17.85
N PRO A 245 26.90 12.66 -16.67
CA PRO A 245 28.18 11.92 -16.61
C PRO A 245 28.19 10.64 -17.41
N GLU A 246 27.08 9.89 -17.41
CA GLU A 246 27.08 8.60 -18.10
C GLU A 246 27.24 8.78 -19.60
N LEU A 247 26.78 9.91 -20.14
CA LEU A 247 26.95 10.23 -21.56
C LEU A 247 28.21 11.04 -21.84
N LYS A 248 29.04 11.30 -20.83
CA LYS A 248 30.20 12.16 -20.98
C LYS A 248 29.80 13.49 -21.60
N VAL A 249 28.66 14.03 -21.15
CA VAL A 249 28.21 15.34 -21.57
C VAL A 249 28.55 16.35 -20.47
N LYS A 250 29.25 17.42 -20.85
CA LYS A 250 29.51 18.55 -19.95
C LYS A 250 29.42 19.81 -20.80
N LYS A 251 28.25 20.44 -20.82
CA LYS A 251 28.01 21.61 -21.68
C LYS A 251 27.89 22.85 -20.79
N GLU A 252 28.72 23.85 -21.07
CA GLU A 252 28.68 25.10 -20.32
C GLU A 252 28.10 26.20 -21.19
N VAL A 253 27.18 26.97 -20.63
CA VAL A 253 26.57 28.11 -21.29
C VAL A 253 26.56 29.27 -20.30
N THR A 254 26.07 30.42 -20.76
CA THR A 254 25.87 31.57 -19.90
C THR A 254 24.47 32.10 -20.13
N THR A 255 23.79 32.46 -19.05
CA THR A 255 22.43 32.96 -19.17
C THR A 255 22.44 34.41 -19.67
N ASP A 256 21.34 34.80 -20.30
CA ASP A 256 21.16 36.19 -20.72
C ASP A 256 20.73 37.05 -19.53
N ALA A 257 20.45 38.32 -19.80
CA ALA A 257 20.06 39.26 -18.75
C ALA A 257 18.75 38.89 -18.08
N ASN A 258 17.95 38.02 -18.69
CA ASN A 258 16.73 37.55 -18.06
C ASN A 258 16.93 36.24 -17.29
N GLY A 259 18.17 35.77 -17.20
CA GLY A 259 18.45 34.53 -16.50
C GLY A 259 18.20 33.27 -17.32
N TYR A 260 18.08 33.39 -18.63
CA TYR A 260 17.73 32.28 -19.50
C TYR A 260 18.92 31.84 -20.35
N ALA A 261 19.03 30.53 -20.55
CA ALA A 261 19.99 29.96 -21.49
C ALA A 261 19.38 28.73 -22.12
N SER A 262 19.79 28.45 -23.37
CA SER A 262 19.35 27.27 -24.10
C SER A 262 20.56 26.40 -24.45
N PHE A 263 20.30 25.18 -24.90
CA PHE A 263 21.43 24.38 -25.35
C PHE A 263 20.97 23.28 -26.29
N LEU A 264 21.90 22.90 -27.15
CA LEU A 264 21.79 21.80 -28.11
C LEU A 264 23.03 20.95 -27.93
N ILE A 265 22.84 19.64 -27.79
CA ILE A 265 23.95 18.73 -27.53
C ILE A 265 23.73 17.48 -28.36
N LYS A 266 24.66 17.19 -29.27
CA LYS A 266 24.61 15.94 -30.02
C LYS A 266 25.09 14.82 -29.10
N SER A 267 24.32 13.72 -29.08
CA SER A 267 24.61 12.63 -28.14
C SER A 267 23.79 11.42 -28.58
N LYS A 268 24.21 10.25 -28.10
CA LYS A 268 23.55 8.99 -28.43
C LYS A 268 23.10 8.30 -27.15
N PRO A 269 22.09 8.85 -26.47
CA PRO A 269 21.61 8.20 -25.25
C PRO A 269 20.91 6.89 -25.55
N ILE A 270 21.01 5.95 -24.60
CA ILE A 270 20.15 4.77 -24.64
C ILE A 270 18.71 5.22 -24.42
N LEU A 271 17.81 4.85 -25.33
CA LEU A 271 16.46 5.41 -25.33
C LEU A 271 15.54 4.64 -24.39
N TRP A 272 14.77 5.39 -23.59
CA TRP A 272 13.79 4.83 -22.67
C TRP A 272 12.71 4.05 -23.40
N THR A 273 12.38 2.86 -22.90
CA THR A 273 11.23 2.09 -23.35
C THR A 273 10.54 1.49 -22.14
N PRO A 274 9.30 1.02 -22.30
CA PRO A 274 8.66 0.30 -21.19
C PRO A 274 9.45 -0.93 -20.75
N GLU A 275 10.07 -1.62 -21.71
CA GLU A 275 10.83 -2.83 -21.39
C GLU A 275 12.14 -2.49 -20.69
N ASN A 276 12.74 -1.36 -21.04
CA ASN A 276 14.00 -0.93 -20.44
C ASN A 276 13.89 0.56 -20.15
N PRO A 277 13.27 0.92 -19.01
CA PRO A 277 12.99 2.33 -18.72
C PRO A 277 14.22 3.09 -18.26
N LYS A 278 15.17 3.27 -19.18
CA LYS A 278 16.47 3.84 -18.87
C LYS A 278 16.36 5.31 -18.49
N LEU A 279 16.88 5.67 -17.33
CA LEU A 279 17.00 7.07 -16.92
C LEU A 279 18.47 7.44 -16.73
N TYR A 280 18.80 8.69 -17.02
CA TYR A 280 20.15 9.22 -16.83
C TYR A 280 20.16 10.20 -15.67
N ALA A 281 21.24 10.17 -14.88
CA ALA A 281 21.50 11.22 -13.92
C ALA A 281 21.89 12.49 -14.67
N VAL A 282 21.14 13.56 -14.42
CA VAL A 282 21.35 14.85 -15.07
C VAL A 282 21.59 15.88 -13.96
N ASN A 283 22.72 16.57 -14.06
CA ASN A 283 23.12 17.55 -13.05
C ASN A 283 23.21 18.92 -13.71
N LEU A 284 22.53 19.91 -13.13
CA LEU A 284 22.63 21.30 -13.54
C LEU A 284 23.31 22.08 -12.43
N ALA A 285 24.33 22.84 -12.78
CA ALA A 285 25.08 23.62 -11.79
C ALA A 285 25.32 25.00 -12.36
N SER A 286 24.76 26.02 -11.72
CA SER A 286 25.10 27.39 -12.04
C SER A 286 26.13 27.87 -11.01
N GLU A 287 26.49 29.15 -11.10
CA GLU A 287 27.41 29.68 -10.11
C GLU A 287 26.79 29.68 -8.72
N THR A 288 25.47 29.81 -8.63
CA THR A 288 24.83 30.01 -7.33
C THR A 288 23.92 28.87 -6.90
N ASP A 289 23.71 27.85 -7.73
CA ASP A 289 22.73 26.81 -7.41
C ASP A 289 23.12 25.53 -8.12
N LYS A 290 22.56 24.41 -7.66
CA LYS A 290 22.75 23.14 -8.37
C LYS A 290 21.58 22.23 -8.04
N VAL A 291 21.21 21.42 -9.03
CA VAL A 291 20.09 20.50 -8.86
C VAL A 291 20.34 19.28 -9.74
N SER A 292 19.98 18.12 -9.23
CA SER A 292 20.10 16.85 -9.93
C SER A 292 18.74 16.27 -10.25
N ASP A 293 18.67 15.52 -11.35
CA ASP A 293 17.43 14.95 -11.83
C ASP A 293 17.72 13.56 -12.39
N GLU A 294 16.66 12.83 -12.67
CA GLU A 294 16.73 11.55 -13.38
C GLU A 294 15.82 11.67 -14.59
N ILE A 295 16.41 11.68 -15.78
CA ILE A 295 15.69 12.02 -17.00
C ILE A 295 16.00 10.99 -18.06
N GLY A 296 14.96 10.51 -18.76
CA GLY A 296 15.12 9.58 -19.85
C GLY A 296 14.84 10.27 -21.18
N PHE A 297 15.25 9.57 -22.26
CA PHE A 297 15.23 10.14 -23.61
C PHE A 297 14.52 9.19 -24.55
N ARG A 298 13.60 9.73 -25.35
CA ARG A 298 12.86 8.91 -26.31
C ARG A 298 12.24 9.82 -27.36
N THR A 299 11.99 9.25 -28.53
CA THR A 299 11.22 9.92 -29.56
C THR A 299 9.82 9.32 -29.65
N ILE A 300 8.85 10.15 -30.02
CA ILE A 300 7.47 9.70 -30.13
C ILE A 300 6.81 10.44 -31.28
N ARG A 301 6.18 9.67 -32.17
CA ARG A 301 5.42 10.27 -33.26
C ARG A 301 4.41 9.26 -33.78
N THR A 302 3.44 9.76 -34.55
CA THR A 302 2.52 8.91 -35.29
C THR A 302 2.97 8.84 -36.74
N GLU A 303 2.59 7.75 -37.41
CA GLU A 303 2.82 7.61 -38.85
C GLU A 303 1.63 6.83 -39.40
N GLY A 304 0.71 7.52 -40.06
CA GLY A 304 -0.53 6.85 -40.40
C GLY A 304 -1.18 6.36 -39.13
N ILE A 305 -1.57 5.09 -39.11
CA ILE A 305 -2.29 4.54 -37.97
C ILE A 305 -1.32 3.99 -36.93
N LYS A 306 -0.02 4.22 -37.12
CA LYS A 306 1.00 3.70 -36.22
C LYS A 306 1.41 4.71 -35.17
N ILE A 307 1.64 4.23 -33.95
CA ILE A 307 2.30 4.98 -32.90
C ILE A 307 3.73 4.46 -32.80
N LEU A 308 4.70 5.36 -32.99
CA LEU A 308 6.11 4.97 -33.06
C LEU A 308 6.86 5.50 -31.85
N LEU A 309 7.39 4.58 -31.03
CA LEU A 309 8.26 4.93 -29.92
C LEU A 309 9.69 4.60 -30.32
N ASN A 310 10.55 5.61 -30.36
CA ASN A 310 11.93 5.40 -30.79
C ASN A 310 11.97 4.74 -32.16
N ASP A 311 11.07 5.17 -33.04
CA ASP A 311 10.94 4.68 -34.41
C ASP A 311 10.34 3.29 -34.51
N LYS A 312 9.92 2.68 -33.40
CA LYS A 312 9.39 1.32 -33.42
C LYS A 312 7.89 1.35 -33.17
N GLU A 313 7.14 0.60 -33.97
CA GLU A 313 5.69 0.54 -33.80
C GLU A 313 5.36 -0.16 -32.49
N ILE A 314 4.51 0.48 -31.68
CA ILE A 314 4.13 -0.05 -30.38
C ILE A 314 2.62 -0.09 -30.29
N PHE A 315 2.12 -0.95 -29.40
CA PHE A 315 0.73 -0.91 -28.97
C PHE A 315 0.69 -0.44 -27.53
N CYS A 316 -0.25 0.46 -27.22
CA CYS A 316 -0.38 0.97 -25.87
C CYS A 316 -1.31 0.02 -25.13
N ARG A 317 -0.72 -0.97 -24.46
CA ARG A 317 -1.43 -1.92 -23.60
C ARG A 317 -1.65 -1.22 -22.27
N GLY A 318 -2.76 -0.50 -22.13
CA GLY A 318 -2.96 0.42 -21.03
C GLY A 318 -4.09 0.02 -20.10
N ILE A 319 -4.16 0.76 -19.01
CA ILE A 319 -5.28 0.72 -18.07
C ILE A 319 -5.43 2.13 -17.51
N SER A 320 -6.68 2.55 -17.27
CA SER A 320 -6.94 3.85 -16.65
C SER A 320 -6.82 3.73 -15.14
N ILE A 321 -6.48 4.84 -14.48
CA ILE A 321 -6.27 4.87 -13.04
C ILE A 321 -6.69 6.24 -12.50
N HIS A 322 -7.53 6.25 -11.46
CA HIS A 322 -7.82 7.46 -10.69
C HIS A 322 -6.78 7.62 -9.58
N GLU A 323 -6.67 8.84 -9.06
CA GLU A 323 -5.70 9.14 -8.01
C GLU A 323 -6.28 8.79 -6.64
N GLU A 324 -6.47 7.49 -6.42
CA GLU A 324 -7.19 7.00 -5.24
C GLU A 324 -6.52 5.72 -4.74
N THR A 325 -6.43 5.58 -3.39
CA THR A 325 -5.54 4.57 -2.82
C THR A 325 -6.17 3.18 -2.79
N PRO A 326 -5.32 2.15 -2.88
CA PRO A 326 -5.77 0.80 -2.52
C PRO A 326 -6.30 0.74 -1.10
N TYR A 327 -7.29 -0.12 -0.89
CA TYR A 327 -7.81 -0.52 0.41
C TYR A 327 -8.73 0.52 1.04
N TYR A 328 -8.24 1.72 1.33
CA TYR A 328 -9.10 2.70 2.00
C TYR A 328 -9.65 3.77 1.07
N SER A 329 -9.17 3.83 -0.18
CA SER A 329 -9.80 4.64 -1.23
C SER A 329 -9.89 6.11 -0.83
N GLY A 330 -8.77 6.64 -0.31
CA GLY A 330 -8.58 8.07 -0.19
C GLY A 330 -7.76 8.61 -1.35
N ARG A 331 -7.49 9.92 -1.31
CA ARG A 331 -6.68 10.54 -2.35
C ARG A 331 -5.24 10.07 -2.25
N ALA A 332 -4.68 9.57 -3.36
CA ALA A 332 -3.33 9.04 -3.37
C ALA A 332 -2.31 10.17 -3.43
N TYR A 333 -1.16 9.97 -2.77
CA TYR A 333 -0.13 11.00 -2.79
C TYR A 333 1.29 10.46 -2.67
N SER A 334 1.48 9.21 -2.25
CA SER A 334 2.83 8.75 -1.89
C SER A 334 3.38 7.75 -2.89
N LYS A 335 4.70 7.54 -2.80
CA LYS A 335 5.31 6.49 -3.62
C LYS A 335 4.74 5.11 -3.28
N ASP A 336 4.41 4.89 -2.00
CA ASP A 336 3.75 3.63 -1.61
C ASP A 336 2.49 3.40 -2.42
N HIS A 337 1.60 4.41 -2.45
CA HIS A 337 0.35 4.28 -3.20
C HIS A 337 0.63 3.98 -4.66
N ALA A 338 1.54 4.76 -5.27
CA ALA A 338 1.84 4.60 -6.68
C ALA A 338 2.39 3.20 -6.97
N HIS A 339 3.34 2.74 -6.16
CA HIS A 339 3.95 1.45 -6.44
C HIS A 339 2.92 0.32 -6.40
N THR A 340 2.04 0.33 -5.39
CA THR A 340 1.01 -0.71 -5.33
C THR A 340 0.14 -0.68 -6.58
N LEU A 341 -0.41 0.49 -6.91
CA LEU A 341 -1.29 0.57 -8.08
C LEU A 341 -0.56 0.12 -9.34
N LEU A 342 0.67 0.60 -9.56
CA LEU A 342 1.38 0.24 -10.78
C LEU A 342 1.83 -1.21 -10.75
N SER A 343 2.04 -1.79 -9.56
CA SER A 343 2.36 -3.22 -9.52
C SER A 343 1.19 -4.05 -10.04
N TRP A 344 -0.05 -3.60 -9.80
CA TRP A 344 -1.21 -4.27 -10.38
C TRP A 344 -1.22 -4.12 -11.91
N ALA A 345 -0.98 -2.90 -12.40
CA ALA A 345 -0.91 -2.69 -13.85
C ALA A 345 0.22 -3.50 -14.47
N LYS A 346 1.34 -3.66 -13.76
CA LYS A 346 2.41 -4.51 -14.26
C LYS A 346 1.93 -5.95 -14.42
N GLU A 347 1.29 -6.48 -13.37
CA GLU A 347 0.79 -7.86 -13.44
C GLU A 347 -0.26 -8.01 -14.54
N LEU A 348 -1.04 -6.95 -14.79
CA LEU A 348 -2.04 -6.97 -15.86
C LEU A 348 -1.43 -7.07 -17.25
N GLY A 349 -0.14 -6.80 -17.39
CA GLY A 349 0.50 -6.80 -18.69
C GLY A 349 0.56 -5.46 -19.39
N CYS A 350 0.43 -4.35 -18.65
CA CYS A 350 0.38 -3.02 -19.26
C CYS A 350 1.77 -2.46 -19.50
N ASN A 351 1.92 -1.72 -20.60
CA ASN A 351 3.07 -0.85 -20.80
C ASN A 351 2.65 0.63 -20.77
N PHE A 352 1.44 0.92 -20.31
CA PHE A 352 0.84 2.23 -20.47
C PHE A 352 -0.22 2.41 -19.37
N VAL A 353 -0.29 3.61 -18.79
CA VAL A 353 -1.37 3.96 -17.87
C VAL A 353 -1.98 5.30 -18.30
N ARG A 354 -3.30 5.36 -18.29
CA ARG A 354 -4.02 6.63 -18.43
C ARG A 354 -4.32 7.13 -17.03
N LEU A 355 -3.72 8.26 -16.67
CA LEU A 355 -3.98 8.90 -15.38
C LEU A 355 -5.12 9.89 -15.58
N ALA A 356 -6.34 9.50 -15.18
CA ALA A 356 -7.55 10.28 -15.31
C ALA A 356 -7.92 10.94 -13.98
N HIS A 357 -8.69 12.04 -14.02
CA HIS A 357 -9.04 12.86 -15.19
C HIS A 357 -8.40 14.25 -15.01
N TYR A 358 -7.23 14.26 -14.40
CA TYR A 358 -6.58 15.46 -13.88
C TYR A 358 -5.12 15.09 -13.63
N PRO A 359 -4.24 16.07 -13.47
CA PRO A 359 -2.84 15.73 -13.16
C PRO A 359 -2.75 14.98 -11.83
N HIS A 360 -2.05 13.86 -11.84
CA HIS A 360 -1.85 13.11 -10.60
C HIS A 360 -0.65 13.68 -9.85
N ASN A 361 -0.51 13.27 -8.59
CA ASN A 361 0.66 13.65 -7.82
C ASN A 361 1.93 13.21 -8.55
N GLU A 362 3.01 13.91 -8.28
CA GLU A 362 4.27 13.66 -9.00
C GLU A 362 4.87 12.30 -8.66
N GLU A 363 4.58 11.74 -7.48
CA GLU A 363 5.11 10.41 -7.16
C GLU A 363 4.58 9.36 -8.12
N MET A 364 3.31 9.50 -8.53
CA MET A 364 2.72 8.54 -9.45
C MET A 364 3.40 8.58 -10.80
N VAL A 365 3.59 9.79 -11.33
CA VAL A 365 4.25 9.94 -12.63
C VAL A 365 5.69 9.46 -12.57
N ARG A 366 6.40 9.75 -11.48
CA ARG A 366 7.78 9.28 -11.34
C ARG A 366 7.86 7.77 -11.20
N GLU A 367 6.93 7.15 -10.48
CA GLU A 367 7.02 5.71 -10.33
C GLU A 367 6.67 5.02 -11.65
N ALA A 368 5.73 5.59 -12.40
CA ALA A 368 5.46 5.09 -13.75
C ALA A 368 6.70 5.18 -14.63
N GLU A 369 7.41 6.32 -14.54
CA GLU A 369 8.63 6.53 -15.31
C GLU A 369 9.69 5.49 -14.99
N ARG A 370 9.92 5.23 -13.70
CA ARG A 370 10.96 4.29 -13.28
CA ARG A 370 10.98 4.29 -13.38
C ARG A 370 10.58 2.84 -13.60
N MET A 371 9.29 2.50 -13.46
CA MET A 371 8.85 1.12 -13.65
C MET A 371 8.63 0.75 -15.11
N GLY A 372 8.47 1.72 -16.00
CA GLY A 372 8.31 1.46 -17.42
C GLY A 372 6.88 1.53 -17.95
N PHE A 373 6.13 2.56 -17.58
CA PHE A 373 4.77 2.76 -18.08
C PHE A 373 4.73 4.07 -18.86
N LEU A 374 4.35 3.99 -20.13
CA LEU A 374 3.97 5.19 -20.86
C LEU A 374 2.73 5.80 -20.21
N VAL A 375 2.58 7.12 -20.36
CA VAL A 375 1.56 7.85 -19.61
C VAL A 375 0.75 8.79 -20.50
N TRP A 376 -0.55 8.79 -20.24
CA TRP A 376 -1.50 9.78 -20.71
C TRP A 376 -1.83 10.68 -19.53
N SER A 377 -1.56 11.99 -19.66
CA SER A 377 -1.73 12.97 -18.59
C SER A 377 -2.81 13.97 -19.01
N GLU A 378 -3.75 14.27 -18.09
CA GLU A 378 -5.00 14.93 -18.44
C GLU A 378 -5.37 16.08 -17.50
N ILE A 379 -6.08 17.09 -18.02
CA ILE A 379 -6.67 18.13 -17.19
C ILE A 379 -8.19 17.94 -17.15
N PRO A 380 -8.88 18.37 -16.06
CA PRO A 380 -10.28 18.01 -15.83
C PRO A 380 -11.30 18.89 -16.56
N VAL A 381 -11.05 19.15 -17.85
CA VAL A 381 -12.01 19.77 -18.75
C VAL A 381 -13.00 18.68 -19.12
N TYR A 382 -14.00 18.49 -18.26
CA TYR A 382 -14.75 17.24 -18.16
C TYR A 382 -16.24 17.57 -18.22
N TRP A 383 -16.94 16.95 -19.17
CA TRP A 383 -18.40 17.10 -19.32
C TRP A 383 -18.73 18.58 -19.55
N THR A 384 -19.66 19.17 -18.80
CA THR A 384 -20.36 20.38 -19.24
C THR A 384 -19.66 21.67 -18.76
N ILE A 385 -18.39 21.80 -19.15
CA ILE A 385 -17.64 23.01 -18.82
C ILE A 385 -18.32 24.22 -19.46
N HIS A 386 -18.16 25.38 -18.81
CA HIS A 386 -18.77 26.63 -19.27
C HIS A 386 -17.91 27.25 -20.38
N TRP A 387 -18.15 26.81 -21.61
CA TRP A 387 -17.28 27.16 -22.73
C TRP A 387 -17.27 28.66 -23.02
N GLU A 388 -18.34 29.37 -22.69
CA GLU A 388 -18.43 30.79 -23.01
C GLU A 388 -17.87 31.69 -21.93
N ASN A 389 -17.43 31.14 -20.82
CA ASN A 389 -16.93 31.92 -19.69
C ASN A 389 -15.43 32.12 -19.85
N LYS A 390 -15.00 33.38 -19.96
CA LYS A 390 -13.57 33.65 -20.18
C LYS A 390 -12.72 33.32 -18.95
N ASP A 391 -13.27 33.50 -17.75
CA ASP A 391 -12.55 33.03 -16.56
C ASP A 391 -12.39 31.52 -16.59
N THR A 392 -13.45 30.81 -17.00
CA THR A 392 -13.34 29.36 -17.10
C THR A 392 -12.20 28.95 -18.03
N TYR A 393 -12.09 29.61 -19.19
CA TYR A 393 -11.03 29.26 -20.12
C TYR A 393 -9.67 29.54 -19.51
N GLN A 394 -9.49 30.70 -18.86
CA GLN A 394 -8.19 31.04 -18.28
C GLN A 394 -7.80 30.02 -17.22
N ASN A 395 -8.78 29.53 -16.46
CA ASN A 395 -8.53 28.47 -15.48
C ASN A 395 -8.05 27.20 -16.19
N ALA A 396 -8.79 26.75 -17.21
CA ALA A 396 -8.41 25.54 -17.93
C ALA A 396 -7.02 25.68 -18.55
N GLU A 397 -6.74 26.83 -19.17
CA GLU A 397 -5.43 26.99 -19.79
C GLU A 397 -4.31 27.08 -18.77
N GLN A 398 -4.57 27.69 -17.61
CA GLN A 398 -3.59 27.69 -16.53
C GLN A 398 -3.29 26.28 -16.04
N GLN A 399 -4.33 25.46 -15.87
CA GLN A 399 -4.09 24.08 -15.44
C GLN A 399 -3.30 23.32 -16.50
N LEU A 400 -3.63 23.56 -17.78
CA LEU A 400 -2.84 22.99 -18.87
C LEU A 400 -1.38 23.39 -18.76
N CYS A 401 -1.11 24.68 -18.61
CA CYS A 401 0.27 25.15 -18.51
C CYS A 401 0.98 24.51 -17.33
N ASP A 402 0.33 24.48 -16.17
CA ASP A 402 0.95 23.93 -14.97
C ASP A 402 1.20 22.43 -15.11
N MET A 403 0.26 21.71 -15.73
CA MET A 403 0.46 20.28 -15.96
C MET A 403 1.72 20.03 -16.76
N ILE A 404 1.86 20.71 -17.90
CA ILE A 404 3.02 20.51 -18.77
C ILE A 404 4.29 21.01 -18.08
N ALA A 405 4.22 22.16 -17.41
CA ALA A 405 5.44 22.73 -16.81
C ALA A 405 6.03 21.79 -15.77
N ARG A 406 5.20 21.15 -14.94
CA ARG A 406 5.73 20.28 -13.90
C ARG A 406 6.44 19.07 -14.50
N ASP A 407 5.86 18.46 -15.53
CA ASP A 407 6.25 17.13 -15.98
C ASP A 407 6.88 17.11 -17.36
N LYS A 408 7.29 18.26 -17.88
CA LYS A 408 7.81 18.31 -19.25
C LYS A 408 9.06 17.45 -19.45
N ASN A 409 9.77 17.09 -18.38
CA ASN A 409 10.97 16.27 -18.49
C ASN A 409 10.72 14.79 -18.26
N ARG A 410 9.46 14.39 -18.11
CA ARG A 410 9.08 13.00 -17.85
C ARG A 410 8.84 12.32 -19.19
N CYS A 411 9.84 11.59 -19.68
CA CYS A 411 9.81 11.05 -21.03
C CYS A 411 8.77 9.97 -21.21
N ASN A 412 8.27 9.38 -20.13
CA ASN A 412 7.23 8.36 -20.24
C ASN A 412 5.89 8.95 -20.63
N ILE A 413 5.65 10.23 -20.36
CA ILE A 413 4.45 10.89 -20.84
C ILE A 413 4.56 11.08 -22.34
N ILE A 414 3.60 10.54 -23.09
CA ILE A 414 3.56 10.73 -24.54
C ILE A 414 2.27 11.36 -25.03
N ILE A 415 1.22 11.46 -24.19
CA ILE A 415 -0.05 12.05 -24.58
C ILE A 415 -0.47 13.07 -23.54
N TRP A 416 -0.70 14.31 -23.98
CA TRP A 416 -1.41 15.30 -23.18
C TRP A 416 -2.87 15.29 -23.61
N SER A 417 -3.77 15.13 -22.64
CA SER A 417 -5.19 15.11 -22.91
C SER A 417 -5.82 16.40 -22.41
N ILE A 418 -6.64 17.04 -23.27
CA ILE A 418 -7.20 18.35 -22.98
C ILE A 418 -8.67 18.29 -22.62
N ALA A 419 -9.32 17.14 -22.69
CA ALA A 419 -10.76 17.08 -22.42
C ALA A 419 -11.21 15.64 -22.31
N ASN A 420 -12.42 15.46 -21.74
CA ASN A 420 -13.04 14.14 -21.60
C ASN A 420 -14.55 14.29 -21.70
N GLU A 421 -15.15 13.67 -22.73
CA GLU A 421 -16.60 13.57 -22.93
C GLU A 421 -17.29 14.92 -22.83
N THR A 422 -16.86 15.84 -23.68
CA THR A 422 -17.45 17.17 -23.72
C THR A 422 -18.46 17.27 -24.85
N PRO A 423 -19.61 17.91 -24.63
CA PRO A 423 -20.66 17.93 -25.66
C PRO A 423 -20.28 18.81 -26.83
N HIS A 424 -20.77 18.43 -28.01
CA HIS A 424 -20.43 19.15 -29.23
C HIS A 424 -21.16 20.49 -29.27
N SER A 425 -20.40 21.57 -29.43
CA SER A 425 -20.97 22.88 -29.73
C SER A 425 -19.85 23.75 -30.27
N LYS A 426 -20.22 24.84 -30.94
CA LYS A 426 -19.21 25.70 -31.55
C LYS A 426 -18.29 26.31 -30.50
N THR A 427 -18.87 26.81 -29.41
CA THR A 427 -18.07 27.41 -28.35
C THR A 427 -17.15 26.37 -27.72
N ARG A 428 -17.65 25.15 -27.54
CA ARG A 428 -16.81 24.06 -27.03
C ARG A 428 -15.63 23.80 -27.96
N LEU A 429 -15.88 23.73 -29.28
CA LEU A 429 -14.80 23.50 -30.22
C LEU A 429 -13.76 24.62 -30.16
N THR A 430 -14.22 25.88 -30.09
CA THR A 430 -13.29 27.00 -29.98
C THR A 430 -12.47 26.91 -28.71
N PHE A 431 -13.14 26.68 -27.59
CA PHE A 431 -12.47 26.46 -26.31
C PHE A 431 -11.37 25.41 -26.43
N LEU A 432 -11.72 24.23 -26.95
CA LEU A 432 -10.75 23.14 -26.95
C LEU A 432 -9.67 23.35 -28.00
N SER A 433 -10.00 23.97 -29.13
CA SER A 433 -8.96 24.28 -30.11
C SER A 433 -7.91 25.21 -29.53
N ASN A 434 -8.33 26.18 -28.73
CA ASN A 434 -7.35 27.06 -28.12
C ASN A 434 -6.48 26.31 -27.13
N LEU A 435 -7.05 25.37 -26.37
CA LEU A 435 -6.21 24.54 -25.49
C LEU A 435 -5.23 23.71 -26.32
N ALA A 436 -5.72 23.08 -27.39
CA ALA A 436 -4.83 22.26 -28.21
C ALA A 436 -3.69 23.09 -28.79
N ASN A 437 -4.01 24.28 -29.31
CA ASN A 437 -2.95 25.15 -29.83
C ASN A 437 -1.97 25.54 -28.74
N LYS A 438 -2.49 25.89 -27.56
CA LYS A 438 -1.61 26.23 -26.45
C LYS A 438 -0.69 25.06 -26.09
N ALA A 439 -1.27 23.86 -25.99
CA ALA A 439 -0.46 22.68 -25.69
C ALA A 439 0.70 22.54 -26.67
N ARG A 440 0.40 22.58 -27.97
CA ARG A 440 1.45 22.43 -28.98
C ARG A 440 2.48 23.55 -28.90
N SER A 441 2.06 24.76 -28.53
CA SER A 441 3.03 25.85 -28.39
C SER A 441 3.96 25.61 -27.21
N LEU A 442 3.52 24.83 -26.23
CA LEU A 442 4.34 24.54 -25.05
C LEU A 442 5.20 23.29 -25.23
N ASP A 443 4.79 22.39 -26.11
CA ASP A 443 5.44 21.08 -26.23
C ASP A 443 5.20 20.58 -27.65
N SER A 444 6.21 20.68 -28.50
CA SER A 444 6.06 20.25 -29.88
C SER A 444 6.24 18.74 -30.06
N VAL A 445 6.62 18.03 -29.01
CA VAL A 445 6.99 16.62 -29.14
C VAL A 445 5.82 15.69 -28.82
N ARG A 446 5.19 15.87 -27.67
CA ARG A 446 4.21 14.89 -27.22
C ARG A 446 2.92 14.99 -28.04
N LEU A 447 2.19 13.86 -28.07
CA LEU A 447 0.92 13.76 -28.79
C LEU A 447 -0.19 14.48 -28.02
N ILE A 448 -1.13 15.06 -28.77
CA ILE A 448 -2.29 15.71 -28.17
C ILE A 448 -3.51 14.81 -28.31
N GLY A 449 -4.18 14.52 -27.19
CA GLY A 449 -5.36 13.69 -27.20
C GLY A 449 -6.52 14.34 -26.45
N ALA A 450 -7.64 13.62 -26.42
CA ALA A 450 -8.83 13.96 -25.67
C ALA A 450 -9.82 12.81 -25.82
N ALA A 451 -10.52 12.47 -24.73
CA ALA A 451 -11.52 11.42 -24.80
C ALA A 451 -12.75 11.95 -25.52
N MET A 452 -12.89 11.57 -26.79
CA MET A 452 -14.12 11.83 -27.55
C MET A 452 -15.13 10.70 -27.28
N GLU A 453 -16.26 10.72 -27.98
CA GLU A 453 -17.30 9.72 -27.84
C GLU A 453 -17.69 9.20 -29.22
N LYS A 454 -18.32 8.03 -29.24
CA LYS A 454 -18.65 7.36 -30.49
C LYS A 454 -20.11 7.65 -30.89
N GLU A 455 -20.42 7.34 -32.14
CA GLU A 455 -21.81 7.36 -32.59
C GLU A 455 -22.07 6.14 -33.46
N GLU A 456 -23.33 5.73 -33.50
CA GLU A 456 -23.80 4.64 -34.33
C GLU A 456 -24.64 5.26 -35.45
N VAL A 457 -23.96 5.63 -36.54
CA VAL A 457 -24.60 6.39 -37.61
C VAL A 457 -25.69 5.57 -38.29
N GLN A 458 -25.47 4.26 -38.43
CA GLN A 458 -26.46 3.30 -38.90
C GLN A 458 -26.28 2.00 -38.13
N PRO A 459 -27.32 1.19 -38.01
CA PRO A 459 -27.25 0.01 -37.15
C PRO A 459 -26.02 -0.85 -37.43
N GLY A 460 -25.24 -1.09 -36.39
CA GLY A 460 -24.07 -1.95 -36.50
C GLY A 460 -22.79 -1.26 -36.94
N VAL A 461 -22.86 0.03 -37.30
CA VAL A 461 -21.72 0.76 -37.85
C VAL A 461 -21.37 1.87 -36.87
N LEU A 462 -20.19 1.75 -36.25
CA LEU A 462 -19.77 2.65 -35.20
C LEU A 462 -18.58 3.49 -35.67
N THR A 463 -18.59 4.77 -35.32
CA THR A 463 -17.50 5.64 -35.71
C THR A 463 -17.40 6.78 -34.71
N VAL A 464 -16.46 7.67 -34.95
CA VAL A 464 -16.23 8.84 -34.11
C VAL A 464 -16.26 10.04 -35.03
N ASN A 465 -17.39 10.74 -35.06
CA ASN A 465 -17.60 11.93 -35.88
C ASN A 465 -17.67 13.13 -34.93
N ASP A 466 -16.50 13.69 -34.62
CA ASP A 466 -16.34 14.82 -33.70
C ASP A 466 -15.31 15.78 -34.31
N PRO A 467 -15.68 17.03 -34.60
CA PRO A 467 -14.70 17.96 -35.20
C PRO A 467 -13.45 18.14 -34.35
N LEU A 468 -13.51 17.84 -33.06
CA LEU A 468 -12.31 17.91 -32.24
C LEU A 468 -11.21 17.01 -32.79
N GLY A 469 -11.58 15.90 -33.43
CA GLY A 469 -10.59 14.96 -33.91
C GLY A 469 -9.54 15.60 -34.78
N GLU A 470 -9.92 16.61 -35.57
CA GLU A 470 -8.96 17.26 -36.45
C GLU A 470 -7.80 17.91 -35.72
N LEU A 471 -7.97 18.24 -34.45
CA LEU A 471 -6.93 18.89 -33.67
C LEU A 471 -6.10 17.91 -32.85
N LEU A 472 -6.41 16.61 -32.93
CA LEU A 472 -5.73 15.60 -32.13
C LEU A 472 -4.85 14.73 -33.01
N ASP A 473 -3.77 14.21 -32.41
CA ASP A 473 -2.88 13.32 -33.15
C ASP A 473 -3.39 11.89 -33.20
N ILE A 474 -4.38 11.54 -32.37
CA ILE A 474 -4.92 10.19 -32.31
C ILE A 474 -6.44 10.32 -32.30
N ILE A 475 -7.10 9.24 -32.71
CA ILE A 475 -8.57 9.15 -32.63
C ILE A 475 -8.86 8.49 -31.29
N SER A 476 -8.89 9.31 -30.23
CA SER A 476 -9.02 8.82 -28.87
C SER A 476 -10.47 9.03 -28.41
N PHE A 477 -11.06 8.01 -27.82
CA PHE A 477 -12.46 8.12 -27.42
C PHE A 477 -12.83 7.02 -26.42
N ASN A 478 -13.88 7.29 -25.66
CA ASN A 478 -14.52 6.32 -24.76
C ASN A 478 -15.66 5.61 -25.48
N GLU A 479 -15.80 4.32 -25.24
CA GLU A 479 -16.95 3.58 -25.75
C GLU A 479 -17.30 2.48 -24.76
N TYR A 480 -18.60 2.22 -24.59
CA TYR A 480 -19.06 1.24 -23.61
C TYR A 480 -20.05 0.26 -24.24
N VAL A 481 -19.71 -0.23 -25.45
CA VAL A 481 -20.50 -1.30 -26.05
C VAL A 481 -20.50 -2.50 -25.10
N GLY A 482 -21.70 -3.03 -24.83
CA GLY A 482 -21.86 -4.16 -23.96
C GLY A 482 -22.09 -3.82 -22.49
N TRP A 483 -21.96 -2.54 -22.11
CA TRP A 483 -22.33 -2.12 -20.76
C TRP A 483 -23.41 -1.04 -20.83
N TYR A 484 -23.08 0.19 -21.26
CA TYR A 484 -24.07 1.25 -21.41
C TYR A 484 -24.85 1.11 -22.71
N ASP A 485 -24.22 0.57 -23.74
CA ASP A 485 -24.80 0.46 -25.08
C ASP A 485 -24.95 -1.02 -25.40
N GLY A 486 -26.11 -1.58 -25.07
CA GLY A 486 -26.39 -2.98 -25.28
C GLY A 486 -25.86 -3.87 -24.17
N ASP A 487 -26.32 -5.12 -24.19
CA ASP A 487 -25.72 -6.19 -23.40
C ASP A 487 -24.45 -6.68 -24.10
N SER A 488 -23.75 -7.61 -23.45
CA SER A 488 -22.47 -8.08 -23.96
C SER A 488 -22.56 -8.55 -25.41
N GLU A 489 -23.69 -9.17 -25.78
CA GLU A 489 -23.85 -9.68 -27.15
C GLU A 489 -23.65 -8.61 -28.20
N LYS A 490 -23.92 -7.34 -27.87
CA LYS A 490 -23.82 -6.32 -28.91
C LYS A 490 -22.39 -6.16 -29.43
N CYS A 491 -21.39 -6.50 -28.61
CA CYS A 491 -20.01 -6.46 -29.09
C CYS A 491 -19.82 -7.34 -30.31
N ASP A 492 -20.60 -8.43 -30.43
CA ASP A 492 -20.42 -9.39 -31.49
C ASP A 492 -20.99 -8.95 -32.83
N ARG A 493 -21.80 -7.88 -32.85
CA ARG A 493 -22.54 -7.53 -34.05
C ARG A 493 -22.32 -6.07 -34.44
N VAL A 494 -21.19 -5.49 -34.04
CA VAL A 494 -20.86 -4.14 -34.44
C VAL A 494 -19.46 -4.13 -35.05
N ASN A 495 -19.21 -3.14 -35.91
CA ASN A 495 -17.87 -2.91 -36.43
C ASN A 495 -17.64 -1.42 -36.54
N TRP A 496 -16.37 -1.06 -36.69
CA TRP A 496 -15.87 0.29 -36.52
C TRP A 496 -15.22 0.76 -37.81
N THR A 497 -15.48 2.01 -38.18
CA THR A 497 -14.83 2.61 -39.33
C THR A 497 -14.44 4.03 -38.97
N PHE A 498 -13.34 4.51 -39.56
CA PHE A 498 -12.83 5.85 -39.31
C PHE A 498 -12.41 6.48 -40.63
N ASP A 499 -12.79 7.75 -40.83
CA ASP A 499 -12.56 8.42 -42.09
C ASP A 499 -11.20 9.13 -42.15
N THR A 500 -10.28 8.80 -41.24
CA THR A 500 -8.95 9.37 -41.28
C THR A 500 -7.96 8.32 -40.78
N GLN A 501 -6.75 8.36 -41.35
CA GLN A 501 -5.70 7.39 -40.99
C GLN A 501 -4.83 7.97 -39.89
N LYS A 502 -5.42 8.05 -38.70
CA LYS A 502 -4.71 8.36 -37.45
C LYS A 502 -4.85 7.19 -36.50
N PRO A 503 -3.88 6.96 -35.61
CA PRO A 503 -3.98 5.80 -34.72
C PRO A 503 -5.24 5.90 -33.86
N VAL A 504 -5.92 4.77 -33.72
CA VAL A 504 -7.16 4.69 -32.95
C VAL A 504 -6.82 4.28 -31.52
N PHE A 505 -7.30 5.04 -30.54
CA PHE A 505 -6.94 4.84 -29.14
C PHE A 505 -8.26 4.86 -28.34
N ILE A 506 -8.63 3.74 -27.76
CA ILE A 506 -9.86 3.66 -26.97
C ILE A 506 -9.50 3.93 -25.52
N SER A 507 -9.82 5.14 -25.03
CA SER A 507 -9.36 5.61 -23.74
C SER A 507 -10.22 5.13 -22.57
N GLU A 508 -11.41 4.58 -22.83
CA GLU A 508 -12.21 3.91 -21.81
C GLU A 508 -13.09 2.86 -22.47
N LEU A 509 -13.32 1.77 -21.74
CA LEU A 509 -14.23 0.71 -22.11
C LEU A 509 -14.41 -0.18 -20.89
N GLY A 510 -15.50 -0.95 -20.88
CA GLY A 510 -15.63 -1.95 -19.83
C GLY A 510 -16.99 -2.05 -19.16
N GLY A 511 -17.03 -2.52 -17.92
CA GLY A 511 -18.29 -2.70 -17.22
C GLY A 511 -18.06 -2.99 -15.76
N GLY A 512 -19.13 -2.91 -14.98
CA GLY A 512 -19.04 -3.02 -13.53
C GLY A 512 -19.23 -4.44 -13.01
N ALA A 513 -18.59 -4.73 -11.85
CA ALA A 513 -18.79 -5.99 -11.15
C ALA A 513 -18.30 -5.85 -9.71
N LEU A 514 -19.01 -6.49 -8.77
CA LEU A 514 -18.57 -6.54 -7.38
C LEU A 514 -17.72 -7.78 -7.20
N TYR A 515 -16.49 -7.63 -6.71
CA TYR A 515 -15.70 -8.82 -6.42
C TYR A 515 -16.41 -9.70 -5.39
N GLY A 516 -16.46 -11.01 -5.67
CA GLY A 516 -17.08 -11.97 -4.79
C GLY A 516 -18.56 -12.16 -5.04
N HIS A 517 -19.11 -11.49 -6.05
CA HIS A 517 -20.52 -11.54 -6.38
C HIS A 517 -20.63 -12.32 -7.68
N HIS A 518 -21.22 -13.51 -7.60
CA HIS A 518 -21.19 -14.45 -8.70
C HIS A 518 -22.60 -14.81 -9.14
N GLY A 519 -22.74 -15.15 -10.41
CA GLY A 519 -23.99 -15.67 -10.92
C GLY A 519 -23.89 -15.95 -12.39
N SER A 520 -25.02 -15.89 -13.09
CA SER A 520 -25.03 -16.13 -14.52
C SER A 520 -24.24 -15.04 -15.25
N PRO A 521 -23.59 -15.37 -16.37
CA PRO A 521 -22.99 -14.31 -17.20
C PRO A 521 -24.01 -13.33 -17.75
N LYS A 522 -25.30 -13.62 -17.65
CA LYS A 522 -26.31 -12.66 -18.06
C LYS A 522 -26.62 -11.63 -16.97
N GLU A 523 -26.19 -11.86 -15.73
CA GLU A 523 -26.57 -11.02 -14.61
C GLU A 523 -25.55 -9.91 -14.44
N ARG A 524 -25.98 -8.66 -14.64
CA ARG A 524 -25.07 -7.54 -14.53
C ARG A 524 -24.59 -7.38 -13.10
N PHE A 525 -23.33 -6.93 -12.99
CA PHE A 525 -22.57 -6.68 -11.76
C PHE A 525 -22.01 -7.96 -11.14
N THR A 526 -22.27 -9.14 -11.72
CA THR A 526 -21.50 -10.32 -11.32
C THR A 526 -20.13 -10.29 -11.99
N GLU A 527 -19.18 -11.01 -11.39
CA GLU A 527 -17.90 -11.19 -12.05
C GLU A 527 -18.07 -11.88 -13.40
N GLU A 528 -19.06 -12.79 -13.51
CA GLU A 528 -19.23 -13.56 -14.73
C GLU A 528 -19.73 -12.70 -15.88
N TYR A 529 -20.64 -11.76 -15.60
CA TYR A 529 -21.05 -10.82 -16.64
C TYR A 529 -19.84 -10.02 -17.13
N GLN A 530 -19.10 -9.42 -16.20
CA GLN A 530 -17.94 -8.61 -16.58
C GLN A 530 -16.92 -9.43 -17.36
N GLU A 531 -16.76 -10.70 -17.00
CA GLU A 531 -15.82 -11.56 -17.71
C GLU A 531 -16.29 -11.82 -19.14
N ASP A 532 -17.57 -12.19 -19.29
CA ASP A 532 -18.14 -12.43 -20.62
C ASP A 532 -18.10 -11.17 -21.47
N LEU A 533 -18.43 -10.02 -20.88
CA LEU A 533 -18.29 -8.76 -21.57
C LEU A 533 -16.86 -8.57 -22.11
N TYR A 534 -15.86 -8.79 -21.26
CA TYR A 534 -14.49 -8.55 -21.71
C TYR A 534 -14.05 -9.53 -22.80
N ILE A 535 -14.55 -10.77 -22.77
CA ILE A 535 -14.23 -11.71 -23.84
C ILE A 535 -14.80 -11.23 -25.17
N ARG A 536 -16.10 -10.92 -25.19
CA ARG A 536 -16.71 -10.46 -26.44
C ARG A 536 -16.17 -9.10 -26.86
N HIS A 537 -15.88 -8.23 -25.88
CA HIS A 537 -15.36 -6.90 -26.20
C HIS A 537 -13.97 -6.98 -26.80
N VAL A 538 -13.10 -7.81 -26.23
CA VAL A 538 -11.76 -7.99 -26.80
C VAL A 538 -11.86 -8.53 -28.22
N ASN A 539 -12.78 -9.47 -28.46
CA ASN A 539 -12.98 -9.95 -29.83
C ASN A 539 -13.37 -8.80 -30.75
N MET A 540 -14.25 -7.91 -30.28
CA MET A 540 -14.60 -6.72 -31.06
C MET A 540 -13.37 -5.85 -31.28
N LEU A 541 -12.61 -5.58 -30.22
CA LEU A 541 -11.39 -4.78 -30.35
C LEU A 541 -10.46 -5.35 -31.43
N LYS A 542 -10.33 -6.67 -31.50
CA LYS A 542 -9.44 -7.27 -32.47
C LYS A 542 -9.88 -7.02 -33.92
N ARG A 543 -11.13 -6.61 -34.13
CA ARG A 543 -11.63 -6.30 -35.46
C ARG A 543 -11.47 -4.83 -35.85
N ILE A 544 -11.02 -3.98 -34.94
CA ILE A 544 -10.98 -2.55 -35.21
C ILE A 544 -9.75 -2.20 -36.04
N PRO A 545 -9.93 -1.63 -37.23
CA PRO A 545 -8.78 -1.20 -38.03
C PRO A 545 -8.09 0.00 -37.39
N GLY A 546 -6.76 -0.03 -37.36
CA GLY A 546 -5.99 1.08 -36.86
C GLY A 546 -5.89 1.16 -35.35
N LEU A 547 -6.40 0.17 -34.62
CA LEU A 547 -6.30 0.21 -33.16
C LEU A 547 -4.84 0.18 -32.73
N ALA A 548 -4.43 1.18 -31.95
CA ALA A 548 -3.05 1.28 -31.46
C ALA A 548 -2.96 1.38 -29.95
N GLY A 549 -4.08 1.45 -29.25
CA GLY A 549 -4.01 1.49 -27.80
C GLY A 549 -5.37 1.36 -27.14
N THR A 550 -5.37 0.82 -25.92
CA THR A 550 -6.57 0.68 -25.09
C THR A 550 -6.20 0.96 -23.65
N THR A 551 -7.00 1.77 -22.95
CA THR A 551 -6.85 2.00 -21.51
C THR A 551 -8.20 1.76 -20.87
N PRO A 552 -8.60 0.50 -20.72
CA PRO A 552 -9.94 0.21 -20.19
C PRO A 552 -10.19 0.87 -18.85
N TRP A 553 -11.45 1.13 -18.58
CA TRP A 553 -11.91 1.78 -17.36
C TRP A 553 -12.46 0.67 -16.47
N ILE A 554 -11.73 0.31 -15.40
CA ILE A 554 -10.61 1.06 -14.85
C ILE A 554 -9.76 0.06 -14.03
N LEU A 555 -8.59 0.47 -13.53
CA LEU A 555 -7.76 -0.47 -12.77
C LEU A 555 -8.44 -0.88 -11.47
N LYS A 556 -8.81 0.11 -10.64
CA LYS A 556 -9.34 -0.11 -9.29
C LYS A 556 -10.71 0.54 -9.14
N ASP A 557 -11.67 -0.17 -8.54
CA ASP A 557 -12.91 0.46 -8.12
C ASP A 557 -12.61 1.74 -7.36
N PHE A 558 -13.43 2.77 -7.56
CA PHE A 558 -13.15 4.08 -6.98
C PHE A 558 -14.44 4.77 -6.57
N ARG A 559 -14.33 5.77 -5.70
CA ARG A 559 -15.50 6.43 -5.14
C ARG A 559 -16.16 7.34 -6.17
N SER A 560 -17.50 7.28 -6.25
CA SER A 560 -18.27 8.18 -7.09
C SER A 560 -19.65 8.37 -6.46
N PRO A 561 -20.13 9.60 -6.31
CA PRO A 561 -21.48 9.83 -5.76
C PRO A 561 -22.60 9.57 -6.74
N ARG A 562 -22.31 8.98 -7.90
CA ARG A 562 -23.31 8.66 -8.91
C ARG A 562 -23.56 7.16 -9.04
N ARG A 563 -23.14 6.38 -8.05
CA ARG A 563 -23.20 4.92 -8.12
C ARG A 563 -23.92 4.43 -6.86
N HIS A 564 -25.23 4.20 -6.98
CA HIS A 564 -26.09 4.08 -5.80
C HIS A 564 -26.73 2.72 -5.62
N VAL A 565 -26.34 1.69 -6.38
CA VAL A 565 -26.95 0.39 -6.13
C VAL A 565 -26.49 -0.12 -4.77
N PRO A 566 -27.39 -0.34 -3.81
CA PRO A 566 -26.96 -0.80 -2.49
C PRO A 566 -26.31 -2.18 -2.54
N GLU A 567 -25.27 -2.36 -1.72
CA GLU A 567 -24.58 -3.64 -1.56
C GLU A 567 -23.77 -4.05 -2.78
N ILE A 568 -23.97 -3.38 -3.91
CA ILE A 568 -23.22 -3.65 -5.13
C ILE A 568 -22.23 -2.52 -5.42
N GLN A 569 -22.73 -1.29 -5.57
CA GLN A 569 -21.87 -0.14 -5.77
C GLN A 569 -21.52 0.55 -4.45
N ASP A 570 -22.51 0.93 -3.66
CA ASP A 570 -22.27 1.59 -2.38
C ASP A 570 -21.31 2.78 -2.53
N ASP A 571 -21.61 3.66 -3.49
CA ASP A 571 -20.83 4.87 -3.73
C ASP A 571 -19.46 4.57 -4.34
N PHE A 572 -19.32 3.42 -5.01
CA PHE A 572 -18.14 3.09 -5.79
C PHE A 572 -18.57 2.79 -7.23
N ASN A 573 -17.85 3.36 -8.17
CA ASN A 573 -17.82 2.86 -9.53
C ASN A 573 -17.14 1.50 -9.52
N ARG A 574 -17.82 0.45 -10.01
CA ARG A 574 -17.35 -0.91 -9.88
C ARG A 574 -16.69 -1.44 -11.15
N LYS A 575 -16.26 -0.56 -12.05
CA LYS A 575 -15.68 -1.02 -13.30
C LYS A 575 -14.22 -1.44 -13.16
N GLY A 576 -13.69 -1.47 -11.94
CA GLY A 576 -12.33 -1.94 -11.74
C GLY A 576 -12.15 -3.37 -12.25
N LEU A 577 -10.95 -3.64 -12.77
CA LEU A 577 -10.54 -5.02 -12.94
C LEU A 577 -9.97 -5.59 -11.65
N VAL A 578 -9.59 -4.69 -10.73
CA VAL A 578 -9.22 -5.03 -9.36
C VAL A 578 -10.22 -4.33 -8.44
N SER A 579 -10.67 -5.04 -7.40
CA SER A 579 -11.55 -4.39 -6.44
C SER A 579 -10.79 -3.29 -5.69
N ASP A 580 -11.53 -2.46 -4.94
CA ASP A 580 -10.87 -1.48 -4.09
C ASP A 580 -10.06 -2.13 -2.97
N LYS A 581 -10.27 -3.43 -2.71
CA LYS A 581 -9.49 -4.18 -1.72
C LYS A 581 -8.41 -5.04 -2.37
N GLY A 582 -8.02 -4.73 -3.60
CA GLY A 582 -6.87 -5.38 -4.22
C GLY A 582 -7.12 -6.75 -4.79
N GLN A 583 -8.38 -7.12 -5.03
CA GLN A 583 -8.73 -8.46 -5.49
C GLN A 583 -8.97 -8.43 -6.99
N LYS A 584 -8.29 -9.32 -7.71
CA LYS A 584 -8.41 -9.41 -9.16
C LYS A 584 -9.71 -10.11 -9.54
N LYS A 585 -10.59 -9.41 -10.26
CA LYS A 585 -11.82 -10.02 -10.72
C LYS A 585 -11.54 -10.92 -11.93
N LYS A 586 -12.49 -11.80 -12.25
CA LYS A 586 -12.32 -12.69 -13.38
C LYS A 586 -11.91 -11.93 -14.66
N ALA A 587 -12.52 -10.78 -14.92
CA ALA A 587 -12.23 -10.08 -16.17
C ALA A 587 -10.77 -9.63 -16.23
N PHE A 588 -10.14 -9.41 -15.08
CA PHE A 588 -8.71 -9.06 -15.06
C PHE A 588 -7.90 -9.98 -15.96
N PHE A 589 -8.16 -11.28 -15.89
CA PHE A 589 -7.36 -12.27 -16.60
C PHE A 589 -7.69 -12.36 -18.08
N VAL A 590 -8.90 -11.94 -18.48
CA VAL A 590 -9.22 -11.84 -19.90
C VAL A 590 -8.34 -10.77 -20.55
N LEU A 591 -8.25 -9.59 -19.94
CA LEU A 591 -7.43 -8.53 -20.52
C LEU A 591 -5.95 -8.88 -20.42
N GLN A 592 -5.54 -9.49 -19.30
CA GLN A 592 -4.16 -9.93 -19.15
C GLN A 592 -3.77 -10.84 -20.30
N LYS A 593 -4.64 -11.79 -20.64
CA LYS A 593 -4.34 -12.74 -21.70
C LYS A 593 -4.18 -12.04 -23.05
N TRP A 594 -5.10 -11.11 -23.38
CA TRP A 594 -4.96 -10.37 -24.63
C TRP A 594 -3.69 -9.53 -24.64
N TYR A 595 -3.36 -8.90 -23.51
CA TYR A 595 -2.15 -8.09 -23.46
C TYR A 595 -0.91 -8.96 -23.62
N LYS A 596 -0.96 -10.21 -23.13
CA LYS A 596 0.13 -11.14 -23.39
C LYS A 596 0.28 -11.42 -24.89
N GLU A 597 -0.85 -11.63 -25.58
CA GLU A 597 -0.80 -11.83 -27.03
C GLU A 597 -0.26 -10.61 -27.75
N LEU A 598 -0.69 -9.41 -27.34
CA LEU A 598 -0.20 -8.19 -27.97
C LEU A 598 1.29 -7.99 -27.74
N THR A 599 1.79 -8.36 -26.55
CA THR A 599 3.22 -8.24 -26.28
C THR A 599 4.02 -9.08 -27.26
N GLU A 600 3.61 -10.33 -27.47
CA GLU A 600 4.27 -11.19 -28.44
C GLU A 600 4.15 -10.62 -29.86
N ALA A 601 2.95 -10.17 -30.24
CA ALA A 601 2.74 -9.72 -31.61
C ALA A 601 3.56 -8.49 -31.95
N TYR A 602 3.83 -7.62 -30.97
CA TYR A 602 4.53 -6.37 -31.25
C TYR A 602 6.02 -6.45 -30.91
N LYS A 603 6.55 -7.64 -30.67
CA LYS A 603 7.98 -7.78 -30.38
C LYS A 603 8.81 -7.25 -31.53
N ALA B 25 -9.10 -31.42 8.20
CA ALA B 25 -8.88 -31.30 9.62
C ALA B 25 -7.42 -30.93 9.95
N PRO B 26 -6.45 -31.67 9.42
CA PRO B 26 -5.05 -31.30 9.63
C PRO B 26 -4.68 -30.13 8.73
N GLN B 27 -3.53 -29.54 9.03
CA GLN B 27 -3.03 -28.42 8.23
C GLN B 27 -2.70 -28.89 6.82
N ILE B 28 -2.82 -27.97 5.86
CA ILE B 28 -2.45 -28.22 4.48
C ILE B 28 -1.28 -27.32 4.12
N MET B 29 -0.17 -27.92 3.73
CA MET B 29 1.02 -27.13 3.37
C MET B 29 0.78 -26.37 2.08
N ASN B 30 1.17 -25.09 2.06
CA ASN B 30 1.26 -24.33 0.82
C ASN B 30 -0.10 -24.22 0.12
N VAL B 31 -1.07 -23.66 0.86
CA VAL B 31 -2.44 -23.55 0.34
C VAL B 31 -2.48 -22.78 -0.98
N SER B 32 -1.69 -21.71 -1.09
CA SER B 32 -1.77 -20.85 -2.28
C SER B 32 -1.45 -21.61 -3.58
N ALA B 33 -0.69 -22.69 -3.51
CA ALA B 33 -0.30 -23.44 -4.70
C ALA B 33 -1.29 -24.53 -5.09
N ARG B 34 -2.42 -24.64 -4.38
CA ARG B 34 -3.40 -25.68 -4.61
C ARG B 34 -4.46 -25.18 -5.59
N GLN B 35 -5.42 -26.03 -5.93
CA GLN B 35 -6.58 -25.61 -6.72
C GLN B 35 -7.53 -24.86 -5.80
N THR B 36 -7.39 -23.54 -5.75
CA THR B 36 -8.09 -22.71 -4.80
C THR B 36 -9.22 -21.91 -5.47
N THR B 37 -10.26 -21.65 -4.69
CA THR B 37 -11.33 -20.73 -5.07
C THR B 37 -11.56 -19.81 -3.88
N SER B 38 -11.43 -18.51 -4.07
CA SER B 38 -11.62 -17.58 -2.96
C SER B 38 -13.10 -17.42 -2.59
N LEU B 39 -13.38 -17.29 -1.30
CA LEU B 39 -14.70 -16.87 -0.84
C LEU B 39 -14.69 -15.45 -0.31
N ASP B 40 -13.62 -14.70 -0.55
CA ASP B 40 -13.50 -13.35 -0.02
C ASP B 40 -14.45 -12.39 -0.73
N GLY B 41 -14.62 -11.22 -0.13
CA GLY B 41 -15.50 -10.21 -0.68
C GLY B 41 -16.24 -9.50 0.43
N GLN B 42 -17.54 -9.36 0.31
CA GLN B 42 -18.36 -8.79 1.37
C GLN B 42 -19.41 -9.81 1.78
N TRP B 43 -19.49 -10.08 3.07
CA TRP B 43 -20.41 -11.05 3.65
C TRP B 43 -21.49 -10.37 4.46
N LYS B 44 -22.62 -11.05 4.59
CA LYS B 44 -23.67 -10.58 5.49
C LYS B 44 -23.25 -10.79 6.95
N THR B 45 -23.65 -9.87 7.82
CA THR B 45 -23.19 -9.90 9.20
C THR B 45 -24.30 -9.52 10.18
N ILE B 46 -24.15 -9.99 11.42
CA ILE B 46 -25.04 -9.65 12.52
C ILE B 46 -24.21 -9.43 13.78
N VAL B 47 -24.25 -8.23 14.34
CA VAL B 47 -23.56 -7.96 15.60
C VAL B 47 -24.43 -8.43 16.75
N ASP B 48 -23.87 -9.24 17.66
CA ASP B 48 -24.67 -10.03 18.60
C ASP B 48 -23.96 -10.09 19.94
N PRO B 49 -23.86 -8.95 20.63
CA PRO B 49 -23.08 -8.92 21.89
C PRO B 49 -23.59 -9.88 22.94
N PHE B 50 -24.91 -10.05 23.08
CA PHE B 50 -25.46 -10.96 24.06
C PHE B 50 -25.61 -12.38 23.51
N GLU B 51 -25.13 -12.64 22.29
CA GLU B 51 -25.12 -13.98 21.70
C GLU B 51 -26.52 -14.58 21.67
N ASN B 52 -27.50 -13.73 21.35
CA ASN B 52 -28.88 -14.16 21.14
C ASN B 52 -28.98 -15.22 20.05
N GLY B 53 -28.05 -15.21 19.08
CA GLY B 53 -28.10 -16.19 18.00
C GLY B 53 -27.63 -17.59 18.39
N TYR B 54 -27.15 -17.74 19.62
CA TYR B 54 -26.56 -18.99 20.10
C TYR B 54 -27.21 -19.50 21.37
N TYR B 55 -27.59 -18.60 22.29
CA TYR B 55 -28.18 -18.94 23.57
C TYR B 55 -29.63 -18.46 23.63
N ASP B 56 -30.48 -19.23 24.30
CA ASP B 56 -31.84 -18.79 24.56
C ASP B 56 -31.88 -18.05 25.90
N TYR B 57 -33.08 -17.62 26.30
CA TYR B 57 -33.21 -16.79 27.50
C TYR B 57 -32.95 -17.56 28.78
N ARG B 58 -32.81 -18.88 28.72
CA ARG B 58 -32.30 -19.65 29.84
C ARG B 58 -30.79 -19.85 29.76
N LEU B 59 -30.13 -19.16 28.81
CA LEU B 59 -28.69 -19.32 28.57
C LEU B 59 -28.35 -20.76 28.18
N LYS B 60 -29.25 -21.40 27.45
CA LYS B 60 -28.97 -22.71 26.92
C LYS B 60 -28.75 -22.62 25.41
N PRO B 61 -27.72 -23.29 24.87
CA PRO B 61 -27.61 -23.36 23.42
C PRO B 61 -28.92 -23.92 22.86
N TYR B 62 -29.39 -23.31 21.78
CA TYR B 62 -30.61 -23.79 21.16
C TYR B 62 -30.35 -24.02 19.69
N ASP B 63 -31.27 -24.74 19.06
CA ASP B 63 -31.21 -24.97 17.63
C ASP B 63 -32.27 -24.11 16.96
N GLY B 64 -32.00 -23.69 15.73
CA GLY B 64 -32.81 -22.67 15.10
C GLY B 64 -32.27 -21.26 15.26
N GLY B 65 -31.11 -21.11 15.88
CA GLY B 65 -30.44 -19.83 15.94
C GLY B 65 -29.82 -19.47 14.60
N TYR B 66 -28.94 -18.47 14.64
CA TYR B 66 -28.54 -17.81 13.39
C TYR B 66 -27.76 -18.71 12.45
N ALA B 67 -27.10 -19.76 12.95
CA ALA B 67 -26.35 -20.64 12.07
C ALA B 67 -27.23 -21.34 11.04
N GLN B 68 -28.55 -21.35 11.25
CA GLN B 68 -29.44 -21.92 10.23
C GLN B 68 -29.56 -21.03 9.00
N ASP B 69 -29.27 -19.73 9.12
CA ASP B 69 -29.24 -18.83 7.95
C ASP B 69 -30.56 -18.91 7.19
N LYS B 70 -31.66 -18.84 7.94
CA LYS B 70 -32.99 -18.91 7.33
C LYS B 70 -33.40 -17.52 6.86
N THR B 71 -33.52 -17.34 5.55
CA THR B 71 -33.97 -16.05 5.03
C THR B 71 -35.41 -15.81 5.48
N TYR B 72 -35.68 -14.60 5.97
CA TYR B 72 -36.95 -14.31 6.64
C TYR B 72 -37.99 -13.88 5.60
N SER B 73 -38.37 -14.86 4.78
CA SER B 73 -39.30 -14.62 3.68
C SER B 73 -40.76 -14.69 4.13
N ASP B 74 -41.09 -15.65 4.98
CA ASP B 74 -42.48 -15.89 5.40
C ASP B 74 -42.70 -15.15 6.71
N LYS B 75 -43.26 -13.94 6.62
CA LYS B 75 -43.49 -13.10 7.79
C LYS B 75 -44.79 -13.44 8.53
N THR B 76 -45.50 -14.51 8.16
CA THR B 76 -46.53 -15.04 9.05
C THR B 76 -45.95 -15.80 10.22
N LYS B 77 -44.66 -16.12 10.19
CA LYS B 77 -43.97 -16.73 11.31
C LYS B 77 -43.02 -15.72 11.94
N LEU B 78 -42.65 -16.00 13.20
CA LEU B 78 -41.83 -15.10 13.99
C LEU B 78 -40.38 -15.54 13.91
N GLN B 79 -39.49 -14.58 13.67
CA GLN B 79 -38.05 -14.76 13.66
C GLN B 79 -37.41 -13.43 14.05
N GLU B 80 -36.24 -13.48 14.67
CA GLU B 80 -35.62 -12.29 15.25
C GLU B 80 -34.37 -11.84 14.50
N TYR B 81 -34.13 -12.34 13.28
CA TYR B 81 -32.93 -12.00 12.52
C TYR B 81 -33.23 -12.22 11.04
N ASP B 82 -32.33 -11.71 10.19
CA ASP B 82 -32.40 -11.95 8.75
C ASP B 82 -31.06 -11.52 8.15
N PHE B 83 -30.17 -12.50 7.93
CA PHE B 83 -28.93 -12.22 7.21
C PHE B 83 -29.21 -11.56 5.86
N GLU B 84 -30.30 -11.97 5.21
CA GLU B 84 -30.49 -11.59 3.82
C GLU B 84 -30.63 -10.09 3.64
N THR B 85 -31.12 -9.39 4.66
CA THR B 85 -31.32 -7.94 4.59
C THR B 85 -30.44 -7.18 5.59
N ASP B 86 -29.42 -7.81 6.15
CA ASP B 86 -28.56 -7.15 7.12
C ASP B 86 -27.31 -6.56 6.44
N LYS B 87 -26.43 -5.99 7.26
CA LYS B 87 -25.30 -5.20 6.77
C LYS B 87 -24.11 -6.08 6.36
N LEU B 88 -23.23 -5.50 5.55
CA LEU B 88 -22.04 -6.19 5.05
C LEU B 88 -20.79 -5.85 5.86
N LEU B 89 -19.83 -6.79 5.89
CA LEU B 89 -18.45 -6.49 6.23
C LEU B 89 -17.53 -7.08 5.18
N PHE B 90 -16.39 -6.44 4.96
CA PHE B 90 -15.37 -7.03 4.09
C PHE B 90 -14.70 -8.23 4.76
N VAL B 91 -14.50 -9.27 3.98
CA VAL B 91 -13.72 -10.45 4.34
C VAL B 91 -12.62 -10.58 3.28
N PRO B 92 -11.34 -10.61 3.66
CA PRO B 92 -10.79 -10.57 5.03
C PRO B 92 -10.72 -9.15 5.59
N GLY B 93 -10.61 -9.05 6.92
CA GLY B 93 -10.33 -7.81 7.58
C GLY B 93 -10.72 -7.83 9.06
N ASP B 94 -10.06 -7.00 9.86
CA ASP B 94 -10.63 -6.69 11.17
C ASP B 94 -11.99 -6.03 10.97
N TRP B 95 -12.89 -6.19 11.95
CA TRP B 95 -14.11 -5.40 11.86
C TRP B 95 -13.94 -3.98 12.39
N ASN B 96 -12.90 -3.73 13.18
CA ASN B 96 -12.82 -2.52 13.99
C ASN B 96 -12.72 -1.26 13.14
N THR B 97 -11.95 -1.30 12.05
CA THR B 97 -11.78 -0.12 11.22
C THR B 97 -12.85 0.02 10.14
N GLN B 98 -13.82 -0.90 10.12
CA GLN B 98 -14.83 -0.87 9.07
C GLN B 98 -16.06 -0.06 9.43
N ARG B 99 -16.42 0.02 10.72
CA ARG B 99 -17.54 0.82 11.20
C ARG B 99 -17.10 1.50 12.48
N PRO B 100 -17.42 2.78 12.66
CA PRO B 100 -17.17 3.41 13.96
C PRO B 100 -17.76 2.62 15.13
N GLN B 101 -18.95 2.03 14.99
CA GLN B 101 -19.54 1.28 16.08
C GLN B 101 -18.73 0.05 16.46
N LEU B 102 -17.86 -0.43 15.56
CA LEU B 102 -17.12 -1.65 15.85
C LEU B 102 -15.67 -1.38 16.22
N TYR B 103 -15.31 -0.09 16.38
CA TYR B 103 -13.95 0.31 16.73
C TYR B 103 -13.44 -0.42 17.98
N TYR B 104 -14.19 -0.34 19.08
CA TYR B 104 -13.82 -1.03 20.31
C TYR B 104 -14.52 -2.37 20.48
N TYR B 105 -15.21 -2.89 19.49
CA TYR B 105 -16.16 -3.97 19.77
C TYR B 105 -15.44 -5.24 20.17
N GLU B 106 -15.82 -5.80 21.32
CA GLU B 106 -15.34 -7.08 21.82
C GLU B 106 -16.54 -7.96 22.07
N GLY B 107 -16.71 -9.00 21.27
CA GLY B 107 -17.89 -9.82 21.37
C GLY B 107 -18.05 -10.62 20.10
N THR B 108 -19.30 -11.04 19.87
CA THR B 108 -19.64 -11.90 18.75
C THR B 108 -20.15 -11.08 17.58
N VAL B 109 -19.64 -11.39 16.39
CA VAL B 109 -20.21 -10.97 15.12
C VAL B 109 -20.42 -12.23 14.29
N TRP B 110 -21.63 -12.41 13.78
CA TRP B 110 -21.93 -13.51 12.86
C TRP B 110 -21.63 -13.08 11.43
N TYR B 111 -21.00 -13.98 10.67
CA TYR B 111 -20.67 -13.77 9.26
C TYR B 111 -21.36 -14.86 8.44
N ARG B 112 -21.88 -14.48 7.27
CA ARG B 112 -22.57 -15.44 6.43
C ARG B 112 -22.22 -15.22 4.96
N LYS B 113 -22.01 -16.33 4.26
CA LYS B 113 -21.64 -16.32 2.84
C LYS B 113 -22.42 -17.43 2.13
N HIS B 114 -23.00 -17.10 0.98
CA HIS B 114 -23.58 -18.09 0.09
C HIS B 114 -22.65 -18.33 -1.10
N PHE B 115 -22.56 -19.59 -1.53
CA PHE B 115 -21.72 -19.95 -2.67
C PHE B 115 -22.23 -21.23 -3.30
N GLU B 116 -21.87 -21.42 -4.56
CA GLU B 116 -22.08 -22.67 -5.27
C GLU B 116 -20.72 -23.29 -5.61
N TYR B 117 -20.69 -24.62 -5.69
CA TYR B 117 -19.45 -25.30 -6.07
C TYR B 117 -19.80 -26.66 -6.63
N SER B 118 -19.22 -26.99 -7.78
CA SER B 118 -19.46 -28.25 -8.47
C SER B 118 -18.24 -29.16 -8.25
N LEU B 119 -18.45 -30.25 -7.53
CA LEU B 119 -17.36 -31.15 -7.15
C LEU B 119 -17.58 -32.50 -7.81
N GLN B 120 -16.66 -32.90 -8.67
CA GLN B 120 -16.76 -34.23 -9.27
C GLN B 120 -16.67 -35.28 -8.19
N PRO B 121 -17.57 -36.26 -8.15
CA PRO B 121 -17.49 -37.31 -7.12
C PRO B 121 -16.10 -37.93 -7.12
N GLY B 122 -15.57 -38.17 -5.92
CA GLY B 122 -14.20 -38.62 -5.78
C GLY B 122 -13.25 -37.52 -5.36
N LYS B 123 -13.40 -36.34 -5.95
CA LYS B 123 -12.60 -35.20 -5.52
C LYS B 123 -13.02 -34.75 -4.12
N ARG B 124 -12.11 -34.07 -3.43
CA ARG B 124 -12.37 -33.62 -2.07
C ARG B 124 -12.31 -32.09 -2.01
N LEU B 125 -13.00 -31.53 -1.01
CA LEU B 125 -13.09 -30.08 -0.88
C LEU B 125 -12.88 -29.67 0.56
N PHE B 126 -11.97 -28.73 0.78
CA PHE B 126 -11.65 -28.22 2.11
C PHE B 126 -11.94 -26.73 2.19
N LEU B 127 -12.34 -26.30 3.37
CA LEU B 127 -12.56 -24.88 3.69
C LEU B 127 -11.41 -24.41 4.58
N ASN B 128 -10.61 -23.46 4.07
CA ASN B 128 -9.41 -23.00 4.77
C ASN B 128 -9.62 -21.57 5.25
N PHE B 129 -9.36 -21.33 6.53
CA PHE B 129 -9.33 -20.00 7.12
C PHE B 129 -7.88 -19.64 7.43
N GLY B 130 -7.40 -18.53 6.85
CA GLY B 130 -6.04 -18.10 7.17
C GLY B 130 -5.91 -17.65 8.62
N ALA B 131 -6.97 -17.08 9.18
CA ALA B 131 -7.03 -16.70 10.59
C ALA B 131 -8.37 -16.07 10.91
N VAL B 132 -8.84 -16.29 12.15
CA VAL B 132 -10.03 -15.68 12.71
C VAL B 132 -9.73 -15.35 14.16
N ASN B 133 -9.88 -14.08 14.55
CA ASN B 133 -9.67 -13.69 15.95
C ASN B 133 -11.01 -13.47 16.65
N TYR B 134 -11.25 -14.15 17.79
CA TYR B 134 -10.33 -15.07 18.46
C TYR B 134 -10.87 -16.50 18.39
N GLU B 135 -12.15 -16.65 18.67
CA GLU B 135 -12.86 -17.92 18.59
C GLU B 135 -13.75 -17.93 17.35
N ALA B 136 -13.68 -19.01 16.59
CA ALA B 136 -14.53 -19.22 15.43
C ALA B 136 -15.32 -20.52 15.61
N ILE B 137 -16.63 -20.43 15.46
CA ILE B 137 -17.47 -21.62 15.30
C ILE B 137 -18.07 -21.55 13.90
N VAL B 138 -18.02 -22.67 13.18
CA VAL B 138 -18.29 -22.69 11.75
C VAL B 138 -19.37 -23.73 11.46
N TRP B 139 -20.38 -23.32 10.68
CA TRP B 139 -21.42 -24.20 10.18
C TRP B 139 -21.47 -24.12 8.67
N LEU B 140 -21.78 -25.26 8.04
CA LEU B 140 -22.12 -25.30 6.62
C LEU B 140 -23.50 -25.90 6.48
N ASN B 141 -24.40 -25.20 5.79
CA ASN B 141 -25.76 -25.70 5.57
C ASN B 141 -26.38 -26.15 6.89
N GLY B 142 -26.23 -25.31 7.91
CA GLY B 142 -26.87 -25.51 9.19
C GLY B 142 -26.24 -26.55 10.10
N LYS B 143 -25.12 -27.15 9.70
CA LYS B 143 -24.47 -28.23 10.45
C LYS B 143 -23.10 -27.76 10.92
N ARG B 144 -22.79 -28.00 12.19
CA ARG B 144 -21.55 -27.48 12.75
C ARG B 144 -20.34 -28.22 12.19
N LEU B 145 -19.38 -27.45 11.65
CA LEU B 145 -18.14 -28.03 11.17
C LEU B 145 -17.12 -28.21 12.29
N GLY B 146 -17.08 -27.27 13.22
CA GLY B 146 -16.14 -27.33 14.32
C GLY B 146 -15.85 -25.94 14.83
N ARG B 147 -14.76 -25.83 15.58
CA ARG B 147 -14.43 -24.65 16.37
C ARG B 147 -12.92 -24.44 16.36
N HIS B 148 -12.51 -23.17 16.45
CA HIS B 148 -11.09 -22.86 16.54
C HIS B 148 -10.87 -21.74 17.56
N ILE B 149 -9.80 -21.86 18.34
CA ILE B 149 -9.35 -20.77 19.19
C ILE B 149 -7.89 -20.46 18.81
N GLY B 150 -7.51 -19.20 19.01
CA GLY B 150 -6.23 -18.73 18.56
C GLY B 150 -6.40 -17.85 17.33
N GLY B 151 -6.10 -16.56 17.44
CA GLY B 151 -6.50 -15.61 16.42
C GLY B 151 -5.60 -15.46 15.23
N PHE B 152 -4.48 -16.19 15.16
CA PHE B 152 -3.44 -15.90 14.18
C PHE B 152 -2.91 -17.13 13.45
N THR B 153 -3.58 -18.27 13.59
CA THR B 153 -3.15 -19.50 12.97
C THR B 153 -4.25 -20.06 12.08
N PRO B 154 -3.89 -20.71 10.98
CA PRO B 154 -4.90 -21.18 10.03
C PRO B 154 -5.53 -22.50 10.48
N PHE B 155 -6.71 -22.78 9.92
CA PHE B 155 -7.40 -24.03 10.22
C PHE B 155 -8.30 -24.41 9.06
N ASN B 156 -8.58 -25.72 8.94
CA ASN B 156 -9.31 -26.27 7.82
C ASN B 156 -10.45 -27.17 8.29
N PHE B 157 -11.47 -27.30 7.44
CA PHE B 157 -12.54 -28.29 7.60
C PHE B 157 -12.74 -28.96 6.25
N GLU B 158 -12.93 -30.28 6.26
CA GLU B 158 -13.34 -30.94 5.02
C GLU B 158 -14.85 -30.82 4.86
N ILE B 159 -15.29 -30.39 3.67
CA ILE B 159 -16.71 -30.26 3.39
C ILE B 159 -17.14 -31.12 2.21
N THR B 160 -16.27 -32.04 1.76
CA THR B 160 -16.57 -32.94 0.65
C THR B 160 -18.00 -33.47 0.68
N ASN B 161 -18.42 -34.02 1.82
CA ASN B 161 -19.73 -34.66 1.94
C ASN B 161 -20.85 -33.72 2.32
N LEU B 162 -20.55 -32.50 2.78
CA LEU B 162 -21.56 -31.55 3.24
C LEU B 162 -22.00 -30.61 2.13
N LEU B 163 -21.26 -30.55 1.05
CA LEU B 163 -21.58 -29.66 -0.06
C LEU B 163 -22.89 -30.09 -0.71
N LYS B 164 -23.77 -29.13 -0.94
CA LYS B 164 -25.02 -29.42 -1.64
C LYS B 164 -25.05 -28.74 -3.00
N GLU B 165 -25.94 -29.24 -3.85
CA GLU B 165 -26.18 -28.58 -5.12
C GLU B 165 -26.91 -27.26 -4.90
N GLY B 166 -26.67 -26.30 -5.79
CA GLY B 166 -27.31 -25.01 -5.60
C GLY B 166 -26.60 -24.22 -4.52
N THR B 167 -27.39 -23.44 -3.78
CA THR B 167 -26.84 -22.52 -2.79
C THR B 167 -26.35 -23.26 -1.56
N ASN B 168 -25.08 -23.05 -1.19
CA ASN B 168 -24.54 -23.49 0.08
C ASN B 168 -24.42 -22.30 1.00
N SER B 169 -24.63 -22.54 2.29
CA SER B 169 -24.65 -21.52 3.32
C SER B 169 -23.48 -21.76 4.28
N LEU B 170 -22.58 -20.79 4.37
CA LEU B 170 -21.47 -20.84 5.32
C LEU B 170 -21.71 -19.76 6.37
N VAL B 171 -21.75 -20.16 7.63
CA VAL B 171 -21.96 -19.22 8.73
C VAL B 171 -20.80 -19.35 9.71
N VAL B 172 -20.23 -18.22 10.11
CA VAL B 172 -19.12 -18.22 11.06
C VAL B 172 -19.49 -17.30 12.20
N LYS B 173 -19.52 -17.86 13.42
CA LYS B 173 -19.67 -17.05 14.63
C LYS B 173 -18.28 -16.70 15.13
N VAL B 174 -17.96 -15.41 15.12
CA VAL B 174 -16.62 -14.93 15.45
C VAL B 174 -16.71 -14.14 16.74
N ASP B 175 -15.88 -14.49 17.71
CA ASP B 175 -15.91 -13.78 18.99
C ASP B 175 -14.49 -13.43 19.42
N ASN B 176 -14.27 -12.15 19.77
CA ASN B 176 -12.96 -11.70 20.22
C ASN B 176 -12.99 -11.18 21.65
N LYS B 177 -13.96 -11.61 22.47
CA LYS B 177 -13.91 -11.30 23.89
C LYS B 177 -12.58 -11.74 24.48
N ARG B 178 -11.98 -10.88 25.32
CA ARG B 178 -10.73 -11.22 25.99
C ARG B 178 -11.03 -12.18 27.14
N LEU B 179 -10.26 -13.26 27.23
CA LEU B 179 -10.47 -14.26 28.26
C LEU B 179 -9.22 -14.40 29.12
N PRO B 180 -9.36 -14.47 30.45
CA PRO B 180 -8.18 -14.65 31.31
C PRO B 180 -7.33 -15.84 30.91
N GLU B 181 -7.95 -16.95 30.54
CA GLU B 181 -7.24 -18.19 30.24
C GLU B 181 -6.75 -18.27 28.79
N ALA B 182 -7.03 -17.24 27.98
CA ALA B 182 -6.70 -17.27 26.57
C ALA B 182 -5.22 -16.96 26.34
N VAL B 183 -4.78 -17.25 25.12
CA VAL B 183 -3.45 -16.91 24.64
C VAL B 183 -3.61 -16.06 23.37
N PRO B 184 -3.42 -14.74 23.48
CA PRO B 184 -3.05 -13.92 24.64
C PRO B 184 -4.18 -13.72 25.67
N THR B 185 -3.87 -13.11 26.81
CA THR B 185 -4.80 -12.99 27.91
C THR B 185 -5.46 -11.60 27.87
N VAL B 186 -5.97 -11.13 29.01
CA VAL B 186 -6.84 -9.94 29.00
C VAL B 186 -6.07 -8.64 28.92
N ASN B 187 -4.75 -8.68 28.82
CA ASN B 187 -3.95 -7.47 28.72
C ASN B 187 -2.84 -7.68 27.71
N ALA B 188 -2.64 -6.69 26.85
CA ALA B 188 -1.64 -6.72 25.78
C ALA B 188 -1.58 -5.31 25.22
N ASP B 189 -0.46 -4.96 24.60
CA ASP B 189 -0.29 -3.60 24.07
C ASP B 189 -0.61 -3.49 22.59
N TRP B 190 -1.68 -4.12 22.11
CA TRP B 190 -2.11 -3.88 20.73
C TRP B 190 -3.63 -4.03 20.64
N TRP B 191 -4.18 -3.49 19.55
CA TRP B 191 -5.63 -3.45 19.38
C TRP B 191 -6.22 -4.86 19.25
N ASN B 192 -7.39 -5.05 19.88
CA ASN B 192 -8.12 -6.32 19.80
C ASN B 192 -8.92 -6.31 18.51
N PHE B 193 -8.23 -6.61 17.41
CA PHE B 193 -8.82 -6.65 16.07
C PHE B 193 -9.63 -7.94 15.95
N GLY B 194 -10.95 -7.85 15.94
CA GLY B 194 -11.76 -9.05 15.78
C GLY B 194 -12.15 -9.30 14.34
N GLY B 195 -12.46 -10.56 14.01
CA GLY B 195 -13.08 -10.83 12.73
C GLY B 195 -12.36 -11.90 11.93
N ILE B 196 -12.84 -12.09 10.70
CA ILE B 196 -12.19 -12.99 9.76
C ILE B 196 -11.08 -12.20 9.10
N THR B 197 -9.90 -12.24 9.69
CA THR B 197 -8.85 -11.29 9.40
C THR B 197 -7.94 -11.70 8.24
N ARG B 198 -8.02 -12.92 7.76
CA ARG B 198 -7.24 -13.37 6.62
C ARG B 198 -8.15 -14.11 5.66
N PRO B 199 -7.69 -14.35 4.42
CA PRO B 199 -8.56 -14.89 3.38
C PRO B 199 -9.23 -16.22 3.76
N VAL B 200 -10.40 -16.43 3.18
CA VAL B 200 -11.17 -17.68 3.28
C VAL B 200 -11.10 -18.35 1.91
N THR B 201 -10.72 -19.63 1.89
CA THR B 201 -10.34 -20.25 0.63
C THR B 201 -10.89 -21.67 0.57
N LEU B 202 -11.55 -22.00 -0.54
CA LEU B 202 -11.89 -23.39 -0.83
C LEU B 202 -10.74 -24.04 -1.57
N ILE B 203 -10.42 -25.28 -1.20
CA ILE B 203 -9.28 -26.00 -1.73
C ILE B 203 -9.78 -27.36 -2.22
N GLU B 204 -9.66 -27.62 -3.52
CA GLU B 204 -10.07 -28.90 -4.09
C GLU B 204 -8.85 -29.81 -4.17
N MET B 205 -9.00 -31.03 -3.67
CA MET B 205 -7.93 -32.02 -3.60
C MET B 205 -8.35 -33.30 -4.30
N PRO B 206 -7.41 -34.05 -4.88
CA PRO B 206 -7.72 -35.43 -5.29
C PRO B 206 -8.02 -36.29 -4.08
N ALA B 207 -8.54 -37.49 -4.36
CA ALA B 207 -9.00 -38.36 -3.27
C ALA B 207 -7.88 -38.66 -2.29
N THR B 208 -6.67 -38.91 -2.81
CA THR B 208 -5.47 -39.00 -2.00
C THR B 208 -4.54 -37.88 -2.43
N TYR B 209 -4.16 -37.01 -1.48
CA TYR B 209 -3.43 -35.81 -1.84
C TYR B 209 -2.17 -35.65 -0.98
N ILE B 210 -1.26 -34.80 -1.47
CA ILE B 210 -0.05 -34.43 -0.75
C ILE B 210 -0.45 -33.37 0.28
N ARG B 211 -0.53 -33.78 1.54
CA ARG B 211 -1.00 -32.84 2.55
C ARG B 211 0.10 -31.94 3.08
N ASP B 212 1.28 -32.51 3.34
CA ASP B 212 2.34 -31.80 4.03
C ASP B 212 3.67 -32.30 3.50
N TYR B 213 4.70 -31.45 3.59
CA TYR B 213 6.03 -31.85 3.18
C TYR B 213 7.04 -30.87 3.77
N TYR B 214 8.30 -31.31 3.82
CA TYR B 214 9.39 -30.54 4.39
C TYR B 214 10.61 -30.72 3.49
N VAL B 215 11.24 -29.62 3.08
CA VAL B 215 12.41 -29.66 2.22
C VAL B 215 13.33 -28.54 2.67
N GLN B 216 14.43 -28.90 3.33
CA GLN B 216 15.39 -27.95 3.88
C GLN B 216 16.74 -28.64 3.98
N LEU B 217 17.79 -27.83 4.12
CA LEU B 217 19.10 -28.42 4.40
C LEU B 217 19.09 -29.11 5.76
N ALA B 218 19.85 -30.21 5.84
CA ALA B 218 20.08 -30.82 7.14
C ALA B 218 20.85 -29.87 8.03
N LYS B 219 20.73 -30.07 9.34
CA LYS B 219 21.34 -29.17 10.31
C LYS B 219 22.83 -29.00 10.03
N ASP B 220 23.27 -27.75 9.89
CA ASP B 220 24.67 -27.40 9.71
C ASP B 220 25.30 -28.00 8.46
N ASP B 221 24.50 -28.33 7.46
CA ASP B 221 25.00 -29.06 6.29
C ASP B 221 24.68 -28.27 5.03
N LYS B 222 25.72 -27.75 4.37
CA LYS B 222 25.52 -26.96 3.17
C LYS B 222 25.19 -27.80 1.94
N ASN B 223 25.29 -29.13 2.02
CA ASN B 223 25.18 -29.98 0.84
C ASN B 223 24.07 -31.01 0.90
N MET B 224 23.44 -31.21 2.04
CA MET B 224 22.47 -32.29 2.20
C MET B 224 21.10 -31.64 2.35
N ILE B 225 20.24 -31.85 1.36
CA ILE B 225 18.82 -31.51 1.47
C ILE B 225 18.10 -32.70 2.08
N GLU B 226 17.41 -32.49 3.18
CA GLU B 226 16.63 -33.55 3.78
C GLU B 226 15.16 -33.14 3.74
N GLY B 227 14.30 -34.12 3.88
CA GLY B 227 12.88 -33.79 3.84
C GLY B 227 12.02 -35.01 3.97
N TRP B 228 10.73 -34.76 3.87
CA TRP B 228 9.74 -35.82 3.95
C TRP B 228 8.47 -35.30 3.32
N VAL B 229 7.60 -36.25 2.95
CA VAL B 229 6.31 -35.94 2.34
C VAL B 229 5.27 -36.78 3.06
N GLN B 230 4.06 -36.22 3.16
CA GLN B 230 2.98 -36.86 3.90
C GLN B 230 1.73 -36.79 3.06
N LEU B 231 1.25 -37.95 2.61
CA LEU B 231 0.02 -38.06 1.85
C LEU B 231 -1.14 -38.33 2.80
N GLU B 232 -2.35 -38.01 2.32
CA GLU B 232 -3.56 -38.20 3.10
C GLU B 232 -4.64 -38.72 2.18
N GLY B 233 -5.33 -39.76 2.63
CA GLY B 233 -6.32 -40.40 1.78
C GLY B 233 -6.25 -41.91 1.81
N SER B 234 -7.17 -42.58 1.11
CA SER B 234 -7.26 -44.05 1.18
C SER B 234 -6.16 -44.75 0.39
N ASP B 235 -5.47 -44.05 -0.51
CA ASP B 235 -4.36 -44.65 -1.24
C ASP B 235 -3.03 -44.01 -0.83
N LYS B 236 -2.76 -43.96 0.47
CA LYS B 236 -1.62 -43.24 1.01
C LYS B 236 -0.28 -43.81 0.54
N GLU B 237 -0.25 -45.03 0.02
CA GLU B 237 0.99 -45.72 -0.32
C GLU B 237 1.23 -45.58 -1.83
N GLN B 238 2.13 -44.67 -2.21
CA GLN B 238 2.27 -44.23 -3.60
C GLN B 238 3.72 -43.88 -3.88
N LYS B 239 4.06 -43.88 -5.17
CA LYS B 239 5.33 -43.35 -5.64
C LYS B 239 5.27 -41.82 -5.64
N ILE B 240 6.34 -41.19 -5.17
CA ILE B 240 6.48 -39.74 -5.09
C ILE B 240 7.76 -39.35 -5.80
N THR B 241 7.72 -38.25 -6.56
CA THR B 241 8.92 -37.67 -7.15
C THR B 241 9.08 -36.24 -6.67
N LEU B 242 10.27 -35.91 -6.19
CA LEU B 242 10.64 -34.56 -5.83
C LEU B 242 11.61 -34.04 -6.89
N ASP B 243 11.22 -32.98 -7.58
CA ASP B 243 12.02 -32.37 -8.62
C ASP B 243 12.49 -30.99 -8.17
N ILE B 244 13.78 -30.73 -8.28
CA ILE B 244 14.31 -29.38 -8.22
C ILE B 244 15.08 -29.16 -9.53
N PRO B 245 14.41 -28.76 -10.60
CA PRO B 245 15.05 -28.76 -11.92
C PRO B 245 16.33 -27.94 -12.01
N GLU B 246 16.38 -26.77 -11.37
CA GLU B 246 17.58 -25.95 -11.51
C GLU B 246 18.79 -26.62 -10.89
N LEU B 247 18.59 -27.50 -9.92
CA LEU B 247 19.67 -28.25 -9.29
C LEU B 247 19.86 -29.64 -9.89
N LYS B 248 19.12 -29.98 -10.93
CA LYS B 248 19.20 -31.30 -11.54
C LYS B 248 18.84 -32.40 -10.55
N VAL B 249 17.96 -32.11 -9.59
CA VAL B 249 17.54 -33.06 -8.58
C VAL B 249 16.24 -33.71 -9.05
N LYS B 250 16.24 -35.03 -9.14
CA LYS B 250 15.03 -35.82 -9.38
C LYS B 250 15.11 -37.04 -8.47
N LYS B 251 14.28 -37.06 -7.42
CA LYS B 251 14.37 -38.08 -6.39
C LYS B 251 13.02 -38.77 -6.28
N GLU B 252 13.00 -40.08 -6.48
CA GLU B 252 11.80 -40.87 -6.40
CA GLU B 252 11.78 -40.84 -6.38
C GLU B 252 11.82 -41.70 -5.13
N VAL B 253 10.73 -41.68 -4.38
CA VAL B 253 10.57 -42.50 -3.19
C VAL B 253 9.16 -43.04 -3.22
N THR B 254 8.90 -44.01 -2.35
CA THR B 254 7.58 -44.60 -2.20
C THR B 254 7.16 -44.42 -0.75
N THR B 255 5.96 -43.88 -0.53
CA THR B 255 5.48 -43.70 0.83
C THR B 255 5.11 -45.05 1.43
N ASP B 256 5.11 -45.10 2.77
CA ASP B 256 4.68 -46.27 3.51
C ASP B 256 3.17 -46.28 3.66
N ALA B 257 2.64 -47.28 4.37
CA ALA B 257 1.20 -47.39 4.59
C ALA B 257 0.64 -46.21 5.37
N ASN B 258 1.49 -45.46 6.07
CA ASN B 258 1.07 -44.24 6.75
C ASN B 258 1.09 -43.02 5.85
N GLY B 259 1.39 -43.18 4.56
CA GLY B 259 1.46 -42.06 3.65
C GLY B 259 2.75 -41.27 3.73
N TYR B 260 3.78 -41.78 4.41
CA TYR B 260 4.96 -41.03 4.76
C TYR B 260 6.19 -41.56 4.02
N ALA B 261 7.05 -40.63 3.60
CA ALA B 261 8.35 -41.00 3.04
C ALA B 261 9.34 -39.89 3.34
N SER B 262 10.58 -40.26 3.65
CA SER B 262 11.65 -39.31 3.86
C SER B 262 12.66 -39.43 2.72
N PHE B 263 13.56 -38.46 2.65
CA PHE B 263 14.61 -38.53 1.65
C PHE B 263 15.82 -37.74 2.12
N LEU B 264 16.96 -38.14 1.56
CA LEU B 264 18.24 -37.46 1.72
C LEU B 264 18.80 -37.25 0.33
N ILE B 265 19.23 -36.03 0.03
CA ILE B 265 19.64 -35.68 -1.33
C ILE B 265 20.91 -34.86 -1.24
N LYS B 266 21.99 -35.36 -1.85
CA LYS B 266 23.20 -34.56 -1.98
C LYS B 266 23.02 -33.54 -3.10
N SER B 267 23.30 -32.28 -2.79
CA SER B 267 23.18 -31.21 -3.78
C SER B 267 24.07 -30.07 -3.31
N LYS B 268 24.22 -29.07 -4.17
CA LYS B 268 25.04 -27.90 -3.87
C LYS B 268 24.26 -26.63 -4.21
N PRO B 269 23.20 -26.35 -3.46
CA PRO B 269 22.41 -25.15 -3.76
C PRO B 269 23.19 -23.87 -3.50
N ILE B 270 22.88 -22.83 -4.27
CA ILE B 270 23.27 -21.48 -3.89
C ILE B 270 22.51 -21.12 -2.63
N LEU B 271 23.23 -20.68 -1.60
CA LEU B 271 22.64 -20.55 -0.27
C LEU B 271 21.95 -19.20 -0.10
N TRP B 272 20.75 -19.21 0.45
CA TRP B 272 19.97 -18.00 0.64
C TRP B 272 20.66 -17.04 1.61
N THR B 273 20.73 -15.77 1.25
CA THR B 273 21.21 -14.72 2.13
C THR B 273 20.34 -13.48 1.94
N PRO B 274 20.36 -12.56 2.91
CA PRO B 274 19.62 -11.30 2.70
C PRO B 274 20.05 -10.56 1.45
N GLU B 275 21.34 -10.62 1.12
CA GLU B 275 21.86 -9.90 -0.04
C GLU B 275 21.50 -10.59 -1.35
N ASN B 276 21.33 -11.90 -1.33
CA ASN B 276 20.96 -12.67 -2.52
C ASN B 276 19.98 -13.75 -2.08
N PRO B 277 18.70 -13.38 -1.95
CA PRO B 277 17.65 -14.29 -1.42
C PRO B 277 17.23 -15.35 -2.43
N LYS B 278 18.17 -16.24 -2.75
CA LYS B 278 17.97 -17.27 -3.76
C LYS B 278 16.90 -18.28 -3.34
N LEU B 279 15.89 -18.44 -4.20
CA LEU B 279 14.85 -19.45 -4.02
C LEU B 279 14.83 -20.39 -5.22
N TYR B 280 14.53 -21.66 -4.97
CA TYR B 280 14.45 -22.69 -6.01
C TYR B 280 13.01 -23.12 -6.22
N ALA B 281 12.64 -23.36 -7.48
CA ALA B 281 11.38 -24.02 -7.77
C ALA B 281 11.48 -25.49 -7.38
N VAL B 282 10.57 -25.94 -6.53
CA VAL B 282 10.52 -27.31 -6.05
C VAL B 282 9.18 -27.90 -6.45
N ASN B 283 9.21 -29.04 -7.11
CA ASN B 283 8.01 -29.69 -7.62
C ASN B 283 7.88 -31.05 -6.97
N LEU B 284 6.74 -31.30 -6.35
CA LEU B 284 6.41 -32.60 -5.77
C LEU B 284 5.26 -33.19 -6.57
N ALA B 285 5.42 -34.43 -7.00
CA ALA B 285 4.36 -35.13 -7.73
C ALA B 285 4.20 -36.51 -7.14
N SER B 286 2.97 -36.84 -6.77
CA SER B 286 2.62 -38.20 -6.36
C SER B 286 1.93 -38.87 -7.53
N GLU B 287 1.36 -40.04 -7.30
CA GLU B 287 0.63 -40.69 -8.38
C GLU B 287 -0.65 -39.93 -8.71
N THR B 288 -1.23 -39.26 -7.73
CA THR B 288 -2.53 -38.63 -7.91
C THR B 288 -2.58 -37.14 -7.58
N ASP B 289 -1.47 -36.52 -7.21
CA ASP B 289 -1.48 -35.12 -6.81
C ASP B 289 -0.14 -34.50 -7.20
N LYS B 290 -0.10 -33.18 -7.20
CA LYS B 290 1.18 -32.50 -7.40
C LYS B 290 1.06 -31.07 -6.91
N VAL B 291 2.19 -30.54 -6.47
CA VAL B 291 2.24 -29.19 -5.91
C VAL B 291 3.64 -28.65 -6.11
N SER B 292 3.73 -27.35 -6.40
CA SER B 292 5.00 -26.66 -6.56
C SER B 292 5.16 -25.63 -5.45
N ASP B 293 6.42 -25.29 -5.20
CA ASP B 293 6.79 -24.40 -4.11
C ASP B 293 8.03 -23.63 -4.53
N GLU B 294 8.38 -22.62 -3.75
CA GLU B 294 9.60 -21.85 -3.91
C GLU B 294 10.31 -21.91 -2.58
N ILE B 295 11.47 -22.56 -2.55
CA ILE B 295 12.15 -22.90 -1.30
C ILE B 295 13.63 -22.55 -1.43
N GLY B 296 14.16 -21.91 -0.39
CA GLY B 296 15.58 -21.59 -0.33
C GLY B 296 16.30 -22.40 0.74
N PHE B 297 17.63 -22.34 0.68
CA PHE B 297 18.47 -23.21 1.49
C PHE B 297 19.56 -22.43 2.19
N ARG B 298 19.72 -22.66 3.50
CA ARG B 298 20.73 -21.97 4.29
C ARG B 298 20.94 -22.74 5.58
N THR B 299 22.12 -22.55 6.18
CA THR B 299 22.42 -23.06 7.50
C THR B 299 22.45 -21.91 8.49
N ILE B 300 22.18 -22.22 9.75
CA ILE B 300 22.13 -21.22 10.81
C ILE B 300 22.56 -21.88 12.11
N ARG B 301 23.48 -21.22 12.84
CA ARG B 301 23.89 -21.68 14.16
C ARG B 301 24.53 -20.53 14.93
N THR B 302 24.68 -20.72 16.23
CA THR B 302 25.44 -19.80 17.06
C THR B 302 26.85 -20.37 17.28
N GLU B 303 27.77 -19.47 17.62
CA GLU B 303 29.15 -19.86 17.96
C GLU B 303 29.63 -18.86 19.00
N GLY B 304 29.55 -19.24 20.27
CA GLY B 304 29.82 -18.27 21.31
C GLY B 304 28.83 -17.12 21.21
N ILE B 305 29.34 -15.90 21.08
CA ILE B 305 28.45 -14.73 20.97
C ILE B 305 28.13 -14.38 19.51
N LYS B 306 28.40 -15.28 18.57
CA LYS B 306 28.23 -15.03 17.15
C LYS B 306 27.01 -15.78 16.63
N ILE B 307 26.29 -15.13 15.72
CA ILE B 307 25.27 -15.76 14.91
C ILE B 307 25.87 -15.96 13.53
N LEU B 308 25.86 -17.19 13.04
CA LEU B 308 26.46 -17.55 11.75
C LEU B 308 25.39 -17.99 10.77
N LEU B 309 25.33 -17.32 9.63
CA LEU B 309 24.47 -17.68 8.52
C LEU B 309 25.35 -18.23 7.41
N ASN B 310 25.10 -19.48 7.02
CA ASN B 310 25.95 -20.15 6.03
C ASN B 310 27.43 -20.06 6.43
N ASP B 311 27.70 -20.27 7.73
CA ASP B 311 29.03 -20.22 8.33
C ASP B 311 29.60 -18.81 8.49
N LYS B 312 28.90 -17.78 8.02
CA LYS B 312 29.42 -16.42 8.05
C LYS B 312 28.81 -15.64 9.21
N GLU B 313 29.66 -14.95 9.97
CA GLU B 313 29.17 -14.11 11.06
C GLU B 313 28.33 -12.96 10.50
N ILE B 314 27.12 -12.80 11.03
CA ILE B 314 26.21 -11.74 10.61
C ILE B 314 25.76 -10.95 11.83
N PHE B 315 25.31 -9.72 11.57
CA PHE B 315 24.56 -8.94 12.54
C PHE B 315 23.12 -8.84 12.07
N CYS B 316 22.17 -9.06 12.98
CA CYS B 316 20.75 -8.94 12.62
C CYS B 316 20.38 -7.47 12.74
N ARG B 317 20.47 -6.75 11.61
CA ARG B 317 20.05 -5.35 11.51
C ARG B 317 18.54 -5.38 11.30
N GLY B 318 17.81 -5.35 12.41
CA GLY B 318 16.38 -5.64 12.38
C GLY B 318 15.50 -4.44 12.69
N ILE B 319 14.21 -4.65 12.46
CA ILE B 319 13.15 -3.77 12.94
C ILE B 319 11.96 -4.67 13.28
N SER B 320 11.26 -4.36 14.37
CA SER B 320 10.03 -5.06 14.72
C SER B 320 8.86 -4.50 13.89
N ILE B 321 7.82 -5.34 13.71
CA ILE B 321 6.66 -4.99 12.87
C ILE B 321 5.43 -5.74 13.38
N HIS B 322 4.35 -5.00 13.62
CA HIS B 322 3.05 -5.58 13.91
C HIS B 322 2.32 -5.87 12.59
N GLU B 323 1.32 -6.76 12.65
CA GLU B 323 0.58 -7.14 11.44
C GLU B 323 -0.51 -6.11 11.16
N GLU B 324 -0.08 -4.90 10.80
CA GLU B 324 -1.01 -3.79 10.66
C GLU B 324 -0.65 -2.95 9.44
N THR B 325 -1.70 -2.43 8.72
CA THR B 325 -1.43 -1.89 7.39
C THR B 325 -0.95 -0.44 7.43
N PRO B 326 -0.12 -0.05 6.47
CA PRO B 326 0.13 1.38 6.25
C PRO B 326 -1.16 2.16 5.97
N TYR B 327 -1.20 3.40 6.47
CA TYR B 327 -2.18 4.42 6.13
C TYR B 327 -3.48 4.28 6.93
N TYR B 328 -4.17 3.14 6.82
CA TYR B 328 -5.45 3.00 7.51
C TYR B 328 -5.36 2.09 8.73
N SER B 329 -4.23 1.41 8.93
CA SER B 329 -3.93 0.68 10.16
C SER B 329 -5.02 -0.31 10.54
N GLY B 330 -5.41 -1.14 9.57
CA GLY B 330 -6.18 -2.34 9.86
C GLY B 330 -5.27 -3.56 9.87
N ARG B 331 -5.88 -4.73 10.03
CA ARG B 331 -5.11 -5.97 10.02
C ARG B 331 -4.56 -6.25 8.62
N ALA B 332 -3.25 -6.45 8.52
CA ALA B 332 -2.58 -6.71 7.26
C ALA B 332 -2.86 -8.14 6.81
N TYR B 333 -2.99 -8.35 5.50
CA TYR B 333 -3.21 -9.70 4.99
C TYR B 333 -2.68 -9.94 3.58
N SER B 334 -2.34 -8.89 2.83
CA SER B 334 -2.06 -9.08 1.41
C SER B 334 -0.59 -8.86 1.09
N LYS B 335 -0.20 -9.31 -0.10
CA LYS B 335 1.15 -9.04 -0.59
C LYS B 335 1.40 -7.55 -0.74
N ASP B 336 0.38 -6.76 -1.11
CA ASP B 336 0.54 -5.31 -1.18
C ASP B 336 0.97 -4.75 0.17
N HIS B 337 0.26 -5.11 1.24
CA HIS B 337 0.59 -4.65 2.57
C HIS B 337 2.01 -5.03 2.94
N ALA B 338 2.38 -6.29 2.71
CA ALA B 338 3.70 -6.76 3.07
C ALA B 338 4.78 -6.01 2.31
N HIS B 339 4.59 -5.83 1.01
CA HIS B 339 5.63 -5.18 0.22
C HIS B 339 5.85 -3.75 0.69
N THR B 340 4.78 -3.01 0.97
CA THR B 340 4.95 -1.64 1.44
C THR B 340 5.74 -1.62 2.76
N LEU B 341 5.29 -2.37 3.76
CA LEU B 341 6.00 -2.41 5.04
C LEU B 341 7.46 -2.77 4.85
N LEU B 342 7.72 -3.84 4.08
CA LEU B 342 9.09 -4.33 3.95
C LEU B 342 9.94 -3.41 3.08
N SER B 343 9.32 -2.66 2.18
CA SER B 343 10.10 -1.68 1.43
C SER B 343 10.61 -0.58 2.35
N TRP B 344 9.84 -0.22 3.39
CA TRP B 344 10.35 0.68 4.42
C TRP B 344 11.53 0.06 5.17
N ALA B 345 11.40 -1.19 5.60
CA ALA B 345 12.50 -1.86 6.29
C ALA B 345 13.74 -1.96 5.40
N LYS B 346 13.55 -2.12 4.09
CA LYS B 346 14.68 -2.12 3.17
C LYS B 346 15.38 -0.79 3.18
N GLU B 347 14.63 0.29 3.00
CA GLU B 347 15.20 1.62 3.03
C GLU B 347 15.91 1.90 4.35
N LEU B 348 15.36 1.39 5.45
CA LEU B 348 15.99 1.51 6.76
C LEU B 348 17.34 0.80 6.86
N GLY B 349 17.67 -0.08 5.91
CA GLY B 349 18.92 -0.83 5.96
C GLY B 349 18.85 -2.16 6.69
N CYS B 350 17.65 -2.71 6.87
CA CYS B 350 17.49 -3.95 7.62
C CYS B 350 17.79 -5.17 6.75
N ASN B 351 18.34 -6.20 7.40
CA ASN B 351 18.40 -7.55 6.83
C ASN B 351 17.52 -8.53 7.60
N PHE B 352 16.67 -8.03 8.49
CA PHE B 352 16.00 -8.85 9.51
C PHE B 352 14.75 -8.12 9.94
N VAL B 353 13.66 -8.87 10.14
CA VAL B 353 12.44 -8.30 10.70
C VAL B 353 11.92 -9.22 11.79
N ARG B 354 11.58 -8.63 12.93
CA ARG B 354 10.87 -9.33 13.99
C ARG B 354 9.37 -9.13 13.77
N LEU B 355 8.67 -10.22 13.50
CA LEU B 355 7.21 -10.17 13.29
C LEU B 355 6.54 -10.48 14.62
N ALA B 356 6.12 -9.43 15.34
CA ALA B 356 5.50 -9.53 16.66
C ALA B 356 3.99 -9.39 16.55
N HIS B 357 3.25 -9.91 17.56
CA HIS B 357 3.72 -10.78 18.65
C HIS B 357 3.08 -12.16 18.50
N TYR B 358 2.87 -12.55 17.25
CA TYR B 358 2.03 -13.67 16.86
C TYR B 358 2.38 -14.01 15.43
N PRO B 359 2.02 -15.19 14.94
CA PRO B 359 2.30 -15.51 13.53
C PRO B 359 1.58 -14.51 12.63
N HIS B 360 2.33 -13.94 11.66
CA HIS B 360 1.73 -13.06 10.68
C HIS B 360 1.17 -13.88 9.52
N ASN B 361 0.34 -13.23 8.70
CA ASN B 361 -0.17 -13.87 7.50
C ASN B 361 0.98 -14.38 6.64
N GLU B 362 0.70 -15.38 5.82
CA GLU B 362 1.74 -16.04 5.06
C GLU B 362 2.33 -15.13 3.99
N GLU B 363 1.55 -14.16 3.50
CA GLU B 363 2.07 -13.23 2.49
C GLU B 363 3.24 -12.42 3.03
N MET B 364 3.17 -12.00 4.29
CA MET B 364 4.25 -11.24 4.91
C MET B 364 5.53 -12.07 4.97
N VAL B 365 5.41 -13.32 5.40
CA VAL B 365 6.60 -14.17 5.53
C VAL B 365 7.19 -14.47 4.17
N ARG B 366 6.33 -14.70 3.16
CA ARG B 366 6.83 -14.99 1.82
C ARG B 366 7.47 -13.77 1.17
N GLU B 367 6.93 -12.57 1.42
CA GLU B 367 7.54 -11.38 0.86
C GLU B 367 8.88 -11.08 1.54
N ALA B 368 8.97 -11.30 2.86
CA ALA B 368 10.28 -11.19 3.52
C ALA B 368 11.26 -12.22 2.95
N GLU B 369 10.75 -13.42 2.64
CA GLU B 369 11.59 -14.46 2.06
C GLU B 369 12.17 -14.04 0.72
N ARG B 370 11.34 -13.51 -0.18
CA ARG B 370 11.86 -13.18 -1.50
CA ARG B 370 11.83 -13.17 -1.51
C ARG B 370 12.56 -11.83 -1.55
N MET B 371 12.30 -10.93 -0.60
CA MET B 371 13.00 -9.65 -0.61
C MET B 371 14.33 -9.69 0.13
N GLY B 372 14.57 -10.71 0.96
CA GLY B 372 15.82 -10.86 1.67
C GLY B 372 15.82 -10.39 3.11
N PHE B 373 14.80 -10.74 3.89
CA PHE B 373 14.76 -10.41 5.30
C PHE B 373 14.73 -11.68 6.13
N LEU B 374 15.73 -11.86 6.99
CA LEU B 374 15.65 -12.86 8.04
C LEU B 374 14.47 -12.55 8.96
N VAL B 375 13.91 -13.59 9.58
CA VAL B 375 12.64 -13.44 10.31
C VAL B 375 12.73 -14.07 11.69
N TRP B 376 12.23 -13.33 12.68
CA TRP B 376 11.88 -13.83 14.01
C TRP B 376 10.36 -14.00 14.01
N SER B 377 9.90 -15.21 14.31
CA SER B 377 8.49 -15.59 14.28
C SER B 377 8.04 -16.02 15.68
N GLU B 378 6.87 -15.52 16.11
CA GLU B 378 6.52 -15.53 17.54
C GLU B 378 5.07 -15.96 17.75
N ILE B 379 4.80 -16.60 18.90
CA ILE B 379 3.43 -16.85 19.35
C ILE B 379 3.08 -15.92 20.52
N PRO B 380 1.78 -15.59 20.71
CA PRO B 380 1.38 -14.54 21.66
C PRO B 380 1.29 -15.02 23.11
N VAL B 381 2.33 -15.71 23.57
CA VAL B 381 2.52 -16.01 24.99
C VAL B 381 3.08 -14.76 25.64
N TYR B 382 2.20 -13.83 25.97
CA TYR B 382 2.54 -12.42 26.19
C TYR B 382 2.03 -11.98 27.56
N TRP B 383 2.93 -11.46 28.39
CA TRP B 383 2.61 -10.92 29.72
C TRP B 383 1.99 -12.03 30.57
N THR B 384 0.80 -11.82 31.14
CA THR B 384 0.38 -12.58 32.33
C THR B 384 -0.47 -13.79 31.97
N ILE B 385 0.11 -14.65 31.13
CA ILE B 385 -0.54 -15.91 30.73
C ILE B 385 -0.79 -16.78 31.96
N HIS B 386 -1.85 -17.58 31.91
CA HIS B 386 -2.23 -18.41 33.06
C HIS B 386 -1.39 -19.70 33.06
N TRP B 387 -0.21 -19.63 33.69
CA TRP B 387 0.78 -20.69 33.61
C TRP B 387 0.31 -22.01 34.22
N GLU B 388 -0.65 -21.97 35.12
CA GLU B 388 -1.11 -23.16 35.82
C GLU B 388 -2.29 -23.82 35.14
N ASN B 389 -2.78 -23.24 34.05
CA ASN B 389 -3.98 -23.73 33.38
C ASN B 389 -3.57 -24.70 32.27
N LYS B 390 -3.99 -25.97 32.39
CA LYS B 390 -3.58 -26.97 31.41
C LYS B 390 -4.17 -26.69 30.03
N ASP B 391 -5.40 -26.18 29.97
CA ASP B 391 -5.97 -25.79 28.68
C ASP B 391 -5.19 -24.65 28.06
N THR B 392 -4.80 -23.66 28.89
CA THR B 392 -3.97 -22.57 28.40
C THR B 392 -2.66 -23.09 27.79
N TYR B 393 -2.01 -24.06 28.45
CA TYR B 393 -0.77 -24.60 27.90
C TYR B 393 -1.01 -25.30 26.57
N GLN B 394 -2.05 -26.14 26.49
CA GLN B 394 -2.34 -26.85 25.25
C GLN B 394 -2.67 -25.88 24.12
N ASN B 395 -3.29 -24.75 24.44
CA ASN B 395 -3.54 -23.72 23.43
C ASN B 395 -2.23 -23.14 22.93
N ALA B 396 -1.36 -22.71 23.86
CA ALA B 396 -0.05 -22.18 23.46
C ALA B 396 0.74 -23.20 22.65
N GLU B 397 0.73 -24.47 23.07
CA GLU B 397 1.51 -25.46 22.33
C GLU B 397 0.92 -25.71 20.96
N GLN B 398 -0.41 -25.70 20.85
CA GLN B 398 -1.03 -25.86 19.54
C GLN B 398 -0.65 -24.71 18.62
N GLN B 399 -0.63 -23.48 19.14
CA GLN B 399 -0.24 -22.36 18.31
C GLN B 399 1.22 -22.50 17.89
N LEU B 400 2.08 -22.93 18.82
CA LEU B 400 3.47 -23.22 18.47
C LEU B 400 3.55 -24.21 17.33
N CYS B 401 2.88 -25.35 17.47
CA CYS B 401 2.93 -26.39 16.45
C CYS B 401 2.44 -25.85 15.10
N ASP B 402 1.30 -25.15 15.11
CA ASP B 402 0.74 -24.61 13.87
C ASP B 402 1.65 -23.57 13.25
N MET B 403 2.25 -22.70 14.06
CA MET B 403 3.20 -21.74 13.52
C MET B 403 4.34 -22.44 12.79
N ILE B 404 4.97 -23.42 13.43
CA ILE B 404 6.11 -24.10 12.81
C ILE B 404 5.66 -24.92 11.61
N ALA B 405 4.52 -25.61 11.71
CA ALA B 405 4.05 -26.45 10.62
C ALA B 405 3.82 -25.64 9.35
N ARG B 406 3.24 -24.44 9.48
CA ARG B 406 2.94 -23.65 8.28
C ARG B 406 4.21 -23.20 7.57
N ASP B 407 5.21 -22.76 8.33
CA ASP B 407 6.35 -22.03 7.78
C ASP B 407 7.67 -22.78 7.87
N LYS B 408 7.65 -24.08 8.16
CA LYS B 408 8.91 -24.81 8.36
C LYS B 408 9.80 -24.80 7.12
N ASN B 409 9.24 -24.57 5.93
CA ASN B 409 10.01 -24.49 4.69
C ASN B 409 10.44 -23.08 4.32
N ARG B 410 10.26 -22.11 5.21
CA ARG B 410 10.64 -20.72 4.91
C ARG B 410 12.03 -20.47 5.48
N CYS B 411 13.05 -20.51 4.60
CA CYS B 411 14.43 -20.51 5.10
C CYS B 411 14.82 -19.18 5.74
N ASN B 412 14.08 -18.10 5.47
CA ASN B 412 14.43 -16.82 6.06
C ASN B 412 14.12 -16.77 7.55
N ILE B 413 13.20 -17.61 8.03
CA ILE B 413 12.96 -17.69 9.47
C ILE B 413 14.16 -18.37 10.11
N ILE B 414 14.78 -17.70 11.08
CA ILE B 414 15.89 -18.29 11.82
C ILE B 414 15.65 -18.30 13.33
N ILE B 415 14.59 -17.67 13.83
CA ILE B 415 14.28 -17.67 15.26
C ILE B 415 12.79 -17.93 15.45
N TRP B 416 12.47 -18.94 16.25
CA TRP B 416 11.13 -19.14 16.81
C TRP B 416 11.11 -18.56 18.22
N SER B 417 10.18 -17.65 18.47
CA SER B 417 10.06 -17.02 19.77
C SER B 417 8.85 -17.56 20.50
N ILE B 418 9.03 -17.98 21.75
CA ILE B 418 7.98 -18.66 22.50
C ILE B 418 7.30 -17.77 23.53
N ALA B 419 7.74 -16.53 23.69
CA ALA B 419 7.13 -15.68 24.73
C ALA B 419 7.66 -14.25 24.61
N ASN B 420 6.94 -13.33 25.26
CA ASN B 420 7.33 -11.92 25.32
C ASN B 420 6.96 -11.34 26.69
N GLU B 421 7.98 -10.89 27.43
CA GLU B 421 7.83 -10.15 28.69
C GLU B 421 6.89 -10.87 29.67
N THR B 422 7.26 -12.09 30.02
CA THR B 422 6.45 -12.86 30.96
C THR B 422 7.06 -12.82 32.35
N PRO B 423 6.25 -12.70 33.40
CA PRO B 423 6.81 -12.56 34.75
C PRO B 423 7.48 -13.85 35.21
N HIS B 424 8.50 -13.68 36.05
CA HIS B 424 9.27 -14.82 36.54
C HIS B 424 8.47 -15.55 37.62
N SER B 425 8.23 -16.84 37.40
CA SER B 425 7.67 -17.71 38.43
C SER B 425 8.09 -19.12 38.07
N LYS B 426 8.01 -20.01 39.06
CA LYS B 426 8.34 -21.40 38.80
C LYS B 426 7.41 -22.01 37.76
N THR B 427 6.10 -21.74 37.87
CA THR B 427 5.16 -22.31 36.92
C THR B 427 5.34 -21.71 35.53
N ARG B 428 5.67 -20.42 35.45
CA ARG B 428 5.98 -19.82 34.15
C ARG B 428 7.20 -20.49 33.52
N LEU B 429 8.25 -20.74 34.32
CA LEU B 429 9.43 -21.39 33.76
C LEU B 429 9.10 -22.79 33.25
N THR B 430 8.32 -23.56 34.01
CA THR B 430 7.91 -24.89 33.55
C THR B 430 7.15 -24.80 32.25
N PHE B 431 6.15 -23.91 32.20
CA PHE B 431 5.34 -23.70 31.01
C PHE B 431 6.22 -23.40 29.79
N LEU B 432 7.11 -22.42 29.92
CA LEU B 432 7.95 -22.03 28.80
C LEU B 432 9.01 -23.08 28.48
N SER B 433 9.51 -23.80 29.49
CA SER B 433 10.46 -24.89 29.21
C SER B 433 9.82 -25.97 28.36
N ASN B 434 8.55 -26.28 28.63
CA ASN B 434 7.83 -27.27 27.83
C ASN B 434 7.63 -26.77 26.40
N LEU B 435 7.35 -25.47 26.21
CA LEU B 435 7.25 -24.96 24.86
C LEU B 435 8.59 -25.04 24.14
N ALA B 436 9.67 -24.66 24.83
CA ALA B 436 10.99 -24.69 24.19
C ALA B 436 11.36 -26.12 23.77
N ASN B 437 11.10 -27.10 24.66
CA ASN B 437 11.38 -28.49 24.31
C ASN B 437 10.56 -28.94 23.12
N LYS B 438 9.27 -28.55 23.08
CA LYS B 438 8.43 -28.88 21.94
C LYS B 438 8.98 -28.26 20.65
N ALA B 439 9.37 -26.99 20.71
CA ALA B 439 9.90 -26.35 19.51
C ALA B 439 11.11 -27.09 18.99
N ARG B 440 12.03 -27.45 19.89
CA ARG B 440 13.23 -28.17 19.47
C ARG B 440 12.89 -29.54 18.92
N SER B 441 11.89 -30.22 19.50
CA SER B 441 11.52 -31.52 18.96
C SER B 441 10.91 -31.40 17.56
N LEU B 442 10.33 -30.24 17.22
CA LEU B 442 9.75 -30.02 15.91
C LEU B 442 10.74 -29.50 14.88
N ASP B 443 11.79 -28.82 15.32
CA ASP B 443 12.70 -28.16 14.39
C ASP B 443 14.08 -28.13 15.03
N SER B 444 14.98 -28.98 14.54
CA SER B 444 16.32 -29.07 15.11
C SER B 444 17.28 -28.03 14.56
N VAL B 445 16.84 -27.18 13.63
CA VAL B 445 17.72 -26.25 12.94
C VAL B 445 17.62 -24.84 13.50
N ARG B 446 16.41 -24.29 13.60
CA ARG B 446 16.28 -22.87 13.88
C ARG B 446 16.55 -22.58 15.35
N LEU B 447 16.89 -21.32 15.61
CA LEU B 447 17.18 -20.86 16.97
C LEU B 447 15.90 -20.63 17.76
N ILE B 448 15.97 -20.88 19.07
CA ILE B 448 14.85 -20.64 19.99
C ILE B 448 15.11 -19.37 20.80
N GLY B 449 14.16 -18.44 20.76
CA GLY B 449 14.26 -17.21 21.54
C GLY B 449 12.96 -16.93 22.29
N ALA B 450 12.96 -15.80 22.99
CA ALA B 450 11.86 -15.25 23.74
C ALA B 450 12.29 -13.89 24.26
N ALA B 451 11.38 -12.92 24.22
CA ALA B 451 11.70 -11.57 24.70
C ALA B 451 11.71 -11.58 26.22
N MET B 452 12.92 -11.61 26.80
CA MET B 452 13.12 -11.46 28.23
C MET B 452 13.18 -9.98 28.59
N GLU B 453 13.52 -9.68 29.84
CA GLU B 453 13.59 -8.31 30.32
C GLU B 453 14.88 -8.13 31.12
N LYS B 454 15.27 -6.87 31.32
CA LYS B 454 16.52 -6.56 32.00
C LYS B 454 16.25 -6.12 33.43
N GLU B 455 17.31 -6.12 34.25
CA GLU B 455 17.20 -5.53 35.58
C GLU B 455 18.52 -4.86 35.94
N GLU B 456 18.41 -3.91 36.86
CA GLU B 456 19.55 -3.11 37.30
C GLU B 456 20.00 -3.69 38.63
N VAL B 457 20.90 -4.69 38.54
CA VAL B 457 21.34 -5.43 39.71
C VAL B 457 22.04 -4.50 40.70
N GLN B 458 23.04 -3.77 40.22
CA GLN B 458 23.66 -2.68 40.97
C GLN B 458 23.42 -1.38 40.23
N PRO B 459 23.37 -0.25 40.95
CA PRO B 459 23.18 1.04 40.28
C PRO B 459 24.14 1.21 39.12
N GLY B 460 23.59 1.53 37.95
CA GLY B 460 24.38 1.74 36.75
C GLY B 460 24.83 0.50 36.04
N VAL B 461 24.44 -0.69 36.51
CA VAL B 461 24.84 -1.95 35.88
C VAL B 461 23.57 -2.72 35.52
N LEU B 462 23.38 -2.99 34.23
CA LEU B 462 22.22 -3.68 33.72
C LEU B 462 22.62 -5.05 33.20
N THR B 463 21.75 -6.03 33.40
CA THR B 463 21.95 -7.36 32.84
C THR B 463 20.60 -8.03 32.65
N VAL B 464 20.64 -9.28 32.21
CA VAL B 464 19.46 -10.12 32.09
C VAL B 464 19.68 -11.30 33.02
N ASN B 465 18.86 -11.38 34.07
CA ASN B 465 18.93 -12.40 35.11
C ASN B 465 17.59 -13.13 35.10
N ASP B 466 17.40 -13.99 34.10
CA ASP B 466 16.15 -14.71 33.89
C ASP B 466 16.54 -16.16 33.67
N PRO B 467 16.11 -17.11 34.51
CA PRO B 467 16.50 -18.51 34.27
C PRO B 467 15.97 -19.05 32.96
N LEU B 468 15.00 -18.38 32.32
CA LEU B 468 14.60 -18.78 30.98
C LEU B 468 15.78 -18.75 30.02
N GLY B 469 16.75 -17.86 30.25
CA GLY B 469 17.89 -17.76 29.35
C GLY B 469 18.57 -19.09 29.09
N GLU B 470 18.59 -19.98 30.08
CA GLU B 470 19.23 -21.27 29.92
C GLU B 470 18.62 -22.08 28.79
N LEU B 471 17.34 -21.89 28.51
CA LEU B 471 16.63 -22.68 27.51
C LEU B 471 16.63 -22.05 26.12
N LEU B 472 17.21 -20.86 25.98
CA LEU B 472 17.24 -20.15 24.71
C LEU B 472 18.63 -20.20 24.09
N ASP B 473 18.67 -20.06 22.76
CA ASP B 473 19.95 -20.01 22.04
C ASP B 473 20.57 -18.63 22.03
N ILE B 474 19.81 -17.60 22.39
CA ILE B 474 20.28 -16.22 22.39
C ILE B 474 19.82 -15.57 23.67
N ILE B 475 20.51 -14.51 24.09
CA ILE B 475 20.07 -13.69 25.21
C ILE B 475 19.24 -12.57 24.59
N SER B 476 17.96 -12.84 24.38
CA SER B 476 17.04 -11.93 23.70
C SER B 476 16.17 -11.23 24.72
N PHE B 477 16.11 -9.90 24.67
CA PHE B 477 15.37 -9.19 25.70
C PHE B 477 14.99 -7.79 25.20
N ASN B 478 13.93 -7.27 25.81
CA ASN B 478 13.45 -5.91 25.55
C ASN B 478 14.06 -4.96 26.58
N GLU B 479 14.49 -3.79 26.14
CA GLU B 479 14.94 -2.79 27.09
C GLU B 479 14.61 -1.40 26.55
N TYR B 480 14.22 -0.51 27.45
CA TYR B 480 13.76 0.83 27.10
C TYR B 480 14.49 1.89 27.90
N VAL B 481 15.82 1.74 28.05
CA VAL B 481 16.63 2.82 28.60
C VAL B 481 16.42 4.07 27.77
N GLY B 482 16.22 5.21 28.43
CA GLY B 482 15.99 6.45 27.72
C GLY B 482 14.54 6.78 27.43
N TRP B 483 13.62 5.83 27.62
CA TRP B 483 12.19 6.10 27.43
C TRP B 483 11.41 5.74 28.70
N TYR B 484 11.23 4.45 29.00
CA TYR B 484 10.58 4.06 30.25
C TYR B 484 11.55 4.14 31.42
N ASP B 485 12.84 3.96 31.17
CA ASP B 485 13.85 3.84 32.22
C ASP B 485 14.82 5.01 32.03
N GLY B 486 14.51 6.13 32.69
CA GLY B 486 15.29 7.35 32.55
C GLY B 486 14.92 8.16 31.32
N ASP B 487 15.42 9.40 31.28
CA ASP B 487 15.50 10.19 30.06
C ASP B 487 16.68 9.70 29.20
N SER B 488 16.79 10.27 28.00
CA SER B 488 17.82 9.83 27.06
C SER B 488 19.22 9.81 27.66
N GLU B 489 19.51 10.73 28.60
CA GLU B 489 20.82 10.81 29.22
C GLU B 489 21.23 9.48 29.86
N LYS B 490 20.26 8.71 30.35
CA LYS B 490 20.63 7.47 31.03
C LYS B 490 21.39 6.53 30.10
N CYS B 491 21.09 6.59 28.79
CA CYS B 491 21.84 5.79 27.84
C CYS B 491 23.34 6.08 27.91
N ASP B 492 23.69 7.30 28.27
CA ASP B 492 25.10 7.70 28.27
C ASP B 492 25.86 7.21 29.48
N ARG B 493 25.19 6.72 30.53
CA ARG B 493 25.91 6.45 31.76
C ARG B 493 25.79 5.03 32.28
N VAL B 494 24.95 4.18 31.70
CA VAL B 494 24.77 2.83 32.21
C VAL B 494 25.72 1.88 31.49
N ASN B 495 26.07 0.79 32.16
CA ASN B 495 26.85 -0.27 31.56
C ASN B 495 26.13 -1.60 31.66
N TRP B 496 26.48 -2.51 30.74
CA TRP B 496 25.86 -3.81 30.59
C TRP B 496 26.89 -4.91 30.81
N THR B 497 26.43 -6.01 31.41
CA THR B 497 27.24 -7.20 31.58
C THR B 497 26.36 -8.44 31.44
N PHE B 498 26.93 -9.52 30.93
CA PHE B 498 26.22 -10.78 30.79
C PHE B 498 27.11 -11.94 31.24
N ASP B 499 26.52 -12.88 31.99
CA ASP B 499 27.28 -13.95 32.61
C ASP B 499 27.36 -15.23 31.78
N THR B 500 26.81 -15.24 30.57
CA THR B 500 26.97 -16.36 29.66
C THR B 500 27.42 -15.85 28.29
N GLN B 501 28.02 -16.75 27.51
CA GLN B 501 28.53 -16.40 26.19
C GLN B 501 27.62 -17.00 25.13
N LYS B 502 26.41 -16.46 25.06
CA LYS B 502 25.47 -16.61 23.97
C LYS B 502 25.30 -15.25 23.29
N PRO B 503 24.93 -15.23 22.01
CA PRO B 503 24.72 -13.95 21.34
C PRO B 503 23.62 -13.15 22.04
N VAL B 504 23.87 -11.85 22.20
CA VAL B 504 22.91 -10.93 22.81
C VAL B 504 22.06 -10.31 21.69
N PHE B 505 20.75 -10.27 21.90
CA PHE B 505 19.80 -9.85 20.88
C PHE B 505 18.78 -8.95 21.56
N ILE B 506 18.76 -7.67 21.22
CA ILE B 506 17.80 -6.76 21.83
C ILE B 506 16.57 -6.72 20.92
N SER B 507 15.48 -7.31 21.40
CA SER B 507 14.30 -7.52 20.58
C SER B 507 13.34 -6.34 20.60
N GLU B 508 13.52 -5.40 21.53
CA GLU B 508 12.79 -4.14 21.52
C GLU B 508 13.65 -3.08 22.20
N LEU B 509 13.55 -1.86 21.67
CA LEU B 509 14.11 -0.65 22.25
C LEU B 509 13.50 0.53 21.50
N GLY B 510 13.58 1.70 22.11
CA GLY B 510 13.13 2.90 21.40
C GLY B 510 12.27 3.86 22.20
N GLY B 511 11.44 4.64 21.52
CA GLY B 511 10.63 5.65 22.17
C GLY B 511 9.64 6.25 21.19
N GLY B 512 8.69 6.99 21.74
CA GLY B 512 7.56 7.50 20.98
C GLY B 512 7.75 8.92 20.46
N ALA B 513 7.10 9.20 19.33
CA ALA B 513 7.11 10.53 18.74
C ALA B 513 5.96 10.63 17.74
N LEU B 514 5.37 11.81 17.67
CA LEU B 514 4.35 12.10 16.65
C LEU B 514 5.03 12.77 15.46
N TYR B 515 4.88 12.19 14.27
CA TYR B 515 5.43 12.84 13.09
C TYR B 515 4.84 14.24 12.92
N GLY B 516 5.71 15.22 12.62
CA GLY B 516 5.31 16.60 12.47
C GLY B 516 5.21 17.38 13.76
N HIS B 517 5.49 16.75 14.89
CA HIS B 517 5.45 17.38 16.21
C HIS B 517 6.89 17.65 16.64
N HIS B 518 7.26 18.93 16.67
CA HIS B 518 8.65 19.32 16.85
C HIS B 518 8.80 20.16 18.12
N GLY B 519 9.98 20.05 18.72
CA GLY B 519 10.30 20.88 19.86
C GLY B 519 11.71 20.62 20.33
N SER B 520 11.98 20.99 21.58
CA SER B 520 13.26 20.70 22.18
C SER B 520 13.52 19.20 22.20
N PRO B 521 14.78 18.78 22.08
CA PRO B 521 15.09 17.35 22.26
C PRO B 521 14.80 16.84 23.65
N LYS B 522 14.54 17.74 24.62
CA LYS B 522 14.10 17.34 25.95
C LYS B 522 12.60 17.09 26.06
N GLU B 523 11.81 17.47 25.07
CA GLU B 523 10.35 17.34 25.14
C GLU B 523 9.93 15.99 24.59
N ARG B 524 9.45 15.12 25.46
CA ARG B 524 9.01 13.81 25.01
C ARG B 524 7.86 13.92 24.01
N PHE B 525 7.87 12.99 23.05
CA PHE B 525 6.93 12.81 21.96
C PHE B 525 7.20 13.72 20.77
N THR B 526 8.16 14.65 20.85
CA THR B 526 8.65 15.34 19.65
C THR B 526 9.56 14.43 18.86
N GLU B 527 9.64 14.69 17.54
CA GLU B 527 10.62 13.97 16.73
C GLU B 527 12.03 14.18 17.26
N GLU B 528 12.31 15.35 17.85
CA GLU B 528 13.66 15.67 18.31
C GLU B 528 14.05 14.85 19.54
N TYR B 529 13.11 14.66 20.49
CA TYR B 529 13.41 13.76 21.59
C TYR B 529 13.74 12.36 21.07
N GLN B 530 12.89 11.84 20.18
CA GLN B 530 13.11 10.50 19.67
C GLN B 530 14.44 10.41 18.92
N GLU B 531 14.80 11.46 18.18
CA GLU B 531 16.07 11.45 17.47
C GLU B 531 17.25 11.45 18.44
N ASP B 532 17.21 12.34 19.43
CA ASP B 532 18.24 12.39 20.45
C ASP B 532 18.34 11.07 21.20
N LEU B 533 17.19 10.48 21.54
CA LEU B 533 17.17 9.17 22.19
C LEU B 533 17.89 8.12 21.34
N TYR B 534 17.57 8.04 20.06
CA TYR B 534 18.21 7.04 19.21
C TYR B 534 19.71 7.29 19.07
N ILE B 535 20.15 8.56 19.02
CA ILE B 535 21.58 8.82 18.91
C ILE B 535 22.32 8.30 20.14
N ARG B 536 21.82 8.63 21.33
CA ARG B 536 22.45 8.18 22.56
C ARG B 536 22.28 6.68 22.76
N HIS B 537 21.12 6.14 22.39
CA HIS B 537 20.87 4.71 22.55
C HIS B 537 21.78 3.89 21.64
N VAL B 538 21.94 4.32 20.38
CA VAL B 538 22.84 3.62 19.47
C VAL B 538 24.26 3.59 20.04
N ASN B 539 24.72 4.72 20.60
CA ASN B 539 26.05 4.71 21.18
C ASN B 539 26.13 3.72 22.34
N MET B 540 25.08 3.65 23.16
CA MET B 540 25.03 2.65 24.22
C MET B 540 25.17 1.24 23.64
N LEU B 541 24.43 0.96 22.55
CA LEU B 541 24.48 -0.36 21.94
C LEU B 541 25.89 -0.77 21.56
N LYS B 542 26.72 0.20 21.16
CA LYS B 542 28.07 -0.11 20.71
C LYS B 542 28.96 -0.68 21.80
N ARG B 543 28.59 -0.52 23.08
CA ARG B 543 29.38 -1.04 24.18
C ARG B 543 28.69 -2.18 24.91
N ILE B 544 27.66 -2.78 24.32
CA ILE B 544 27.01 -3.96 24.90
C ILE B 544 27.78 -5.19 24.45
N PRO B 545 28.54 -5.85 25.32
CA PRO B 545 29.34 -6.99 24.88
C PRO B 545 28.44 -8.13 24.40
N GLY B 546 28.78 -8.70 23.25
CA GLY B 546 28.06 -9.83 22.71
C GLY B 546 26.88 -9.50 21.81
N LEU B 547 26.54 -8.22 21.65
CA LEU B 547 25.39 -7.84 20.83
C LEU B 547 25.53 -8.35 19.40
N ALA B 548 24.55 -9.14 18.96
CA ALA B 548 24.52 -9.69 17.61
C ALA B 548 23.25 -9.32 16.85
N GLY B 549 22.32 -8.62 17.46
CA GLY B 549 21.08 -8.28 16.77
C GLY B 549 20.29 -7.24 17.52
N THR B 550 19.53 -6.43 16.77
CA THR B 550 18.60 -5.45 17.32
C THR B 550 17.37 -5.39 16.42
N THR B 551 16.18 -5.42 17.02
CA THR B 551 14.92 -5.19 16.30
C THR B 551 14.17 -4.10 17.05
N PRO B 552 14.54 -2.84 16.85
CA PRO B 552 13.90 -1.77 17.61
C PRO B 552 12.39 -1.74 17.42
N TRP B 553 11.73 -1.24 18.45
CA TRP B 553 10.28 -1.12 18.50
C TRP B 553 9.95 0.33 18.17
N ILE B 554 9.47 0.60 16.95
CA ILE B 554 8.92 -0.38 16.01
C ILE B 554 8.97 0.27 14.61
N LEU B 555 8.67 -0.48 13.55
CA LEU B 555 8.75 0.10 12.20
C LEU B 555 7.68 1.18 12.00
N LYS B 556 6.41 0.86 12.30
CA LYS B 556 5.26 1.74 12.02
C LYS B 556 4.42 1.93 13.28
N ASP B 557 4.02 3.19 13.56
CA ASP B 557 3.03 3.43 14.61
C ASP B 557 1.87 2.48 14.42
N PHE B 558 1.33 1.97 15.53
CA PHE B 558 0.26 0.98 15.45
C PHE B 558 -0.76 1.20 16.56
N ARG B 559 -1.94 0.61 16.37
CA ARG B 559 -3.06 0.85 17.29
C ARG B 559 -2.85 0.10 18.60
N SER B 560 -3.04 0.82 19.72
CA SER B 560 -3.05 0.22 21.05
C SER B 560 -4.06 0.95 21.92
N PRO B 561 -4.94 0.23 22.63
CA PRO B 561 -5.86 0.90 23.57
C PRO B 561 -5.23 1.31 24.89
N ARG B 562 -3.90 1.23 25.01
CA ARG B 562 -3.20 1.66 26.21
C ARG B 562 -2.46 2.98 26.01
N ARG B 563 -2.72 3.68 24.91
CA ARG B 563 -1.95 4.86 24.52
C ARG B 563 -2.95 6.02 24.40
N HIS B 564 -3.04 6.85 25.44
CA HIS B 564 -4.19 7.75 25.59
C HIS B 564 -3.84 9.24 25.59
N VAL B 565 -2.62 9.64 25.26
CA VAL B 565 -2.34 11.08 25.21
C VAL B 565 -3.13 11.65 24.04
N PRO B 566 -4.09 12.56 24.27
CA PRO B 566 -4.83 13.13 23.14
C PRO B 566 -3.92 13.95 22.23
N GLU B 567 -4.19 13.86 20.92
CA GLU B 567 -3.52 14.62 19.87
C GLU B 567 -2.08 14.17 19.65
N ILE B 568 -1.55 13.31 20.52
CA ILE B 568 -0.20 12.78 20.38
C ILE B 568 -0.24 11.29 20.08
N GLN B 569 -0.83 10.51 20.98
CA GLN B 569 -1.06 9.08 20.76
C GLN B 569 -2.39 8.79 20.06
N ASP B 570 -3.50 9.28 20.61
CA ASP B 570 -4.82 9.01 20.04
C ASP B 570 -5.00 7.52 19.72
N ASP B 571 -4.77 6.68 20.73
CA ASP B 571 -4.92 5.23 20.60
C ASP B 571 -3.90 4.59 19.66
N PHE B 572 -2.75 5.24 19.44
CA PHE B 572 -1.63 4.66 18.72
C PHE B 572 -0.41 4.63 19.63
N ASN B 573 0.27 3.50 19.64
CA ASN B 573 1.67 3.45 20.07
C ASN B 573 2.51 4.22 19.06
N ARG B 574 3.22 5.26 19.54
CA ARG B 574 3.92 6.17 18.65
C ARG B 574 5.41 5.84 18.53
N LYS B 575 5.81 4.62 18.85
CA LYS B 575 7.23 4.29 18.79
C LYS B 575 7.71 3.95 17.38
N GLY B 576 6.87 4.11 16.36
CA GLY B 576 7.34 3.88 15.01
C GLY B 576 8.50 4.78 14.65
N LEU B 577 9.43 4.25 13.86
CA LEU B 577 10.35 5.12 13.15
C LEU B 577 9.70 5.69 11.89
N VAL B 578 8.61 5.07 11.43
CA VAL B 578 7.74 5.59 10.38
C VAL B 578 6.37 5.81 10.99
N SER B 579 5.74 6.94 10.65
CA SER B 579 4.36 7.18 11.10
C SER B 579 3.42 6.15 10.47
N ASP B 580 2.20 6.08 11.04
CA ASP B 580 1.17 5.25 10.41
C ASP B 580 0.83 5.73 9.00
N LYS B 581 1.14 6.99 8.67
CA LYS B 581 0.92 7.51 7.32
C LYS B 581 2.19 7.45 6.46
N GLY B 582 3.14 6.58 6.81
CA GLY B 582 4.29 6.32 5.97
C GLY B 582 5.37 7.39 5.96
N GLN B 583 5.42 8.27 6.96
CA GLN B 583 6.38 9.36 6.99
C GLN B 583 7.56 8.99 7.91
N LYS B 584 8.78 9.11 7.39
CA LYS B 584 9.96 8.78 8.16
C LYS B 584 10.25 9.87 9.17
N LYS B 585 10.23 9.54 10.47
CA LYS B 585 10.60 10.48 11.50
C LYS B 585 12.12 10.68 11.54
N LYS B 586 12.57 11.74 12.21
CA LYS B 586 14.02 12.01 12.25
C LYS B 586 14.81 10.79 12.72
N ALA B 587 14.29 10.07 13.73
CA ALA B 587 15.04 8.96 14.30
C ALA B 587 15.26 7.83 13.30
N PHE B 588 14.38 7.71 12.30
CA PHE B 588 14.56 6.71 11.24
C PHE B 588 15.96 6.78 10.65
N PHE B 589 16.47 8.00 10.42
CA PHE B 589 17.75 8.16 9.75
C PHE B 589 18.93 7.93 10.69
N VAL B 590 18.70 8.05 11.99
CA VAL B 590 19.73 7.67 12.97
C VAL B 590 19.99 6.17 12.88
N LEU B 591 18.93 5.35 12.96
CA LEU B 591 19.10 3.91 12.87
C LEU B 591 19.59 3.50 11.49
N GLN B 592 19.06 4.12 10.44
CA GLN B 592 19.53 3.85 9.08
C GLN B 592 21.03 4.03 8.97
N LYS B 593 21.56 5.12 9.55
CA LYS B 593 22.99 5.39 9.45
C LYS B 593 23.81 4.33 10.18
N TRP B 594 23.37 3.90 11.37
CA TRP B 594 24.07 2.83 12.07
C TRP B 594 24.02 1.53 11.27
N TYR B 595 22.87 1.22 10.66
CA TYR B 595 22.76 -0.01 9.90
C TYR B 595 23.65 0.04 8.65
N LYS B 596 23.80 1.21 8.07
CA LYS B 596 24.76 1.40 6.98
C LYS B 596 26.17 1.05 7.45
N GLU B 597 26.54 1.52 8.63
CA GLU B 597 27.87 1.24 9.18
C GLU B 597 28.03 -0.25 9.49
N LEU B 598 27.01 -0.87 10.08
CA LEU B 598 27.08 -2.30 10.39
C LEU B 598 27.19 -3.13 9.12
N THR B 599 26.50 -2.72 8.06
CA THR B 599 26.58 -3.43 6.79
C THR B 599 28.02 -3.46 6.28
N GLU B 600 28.71 -2.33 6.35
CA GLU B 600 30.11 -2.28 5.93
C GLU B 600 30.99 -3.11 6.86
N ALA B 601 30.80 -2.97 8.17
CA ALA B 601 31.62 -3.67 9.14
C ALA B 601 31.53 -5.18 9.00
N TYR B 602 30.37 -5.71 8.63
CA TYR B 602 30.17 -7.15 8.59
C TYR B 602 30.35 -7.73 7.20
N LYS B 603 30.75 -6.92 6.22
CA LYS B 603 31.05 -7.39 4.89
C LYS B 603 32.01 -8.58 4.93
#